data_8JVU
# 
_entry.id   8JVU 
# 
_audit_conform.dict_name       mmcif_pdbx.dic 
_audit_conform.dict_version    5.395 
_audit_conform.dict_location   http://mmcif.pdb.org/dictionaries/ascii/mmcif_pdbx.dic 
# 
loop_
_database_2.database_id 
_database_2.database_code 
_database_2.pdbx_database_accession 
_database_2.pdbx_DOI 
PDB   8JVU         pdb_00008jvu 10.2210/pdb8jvu/pdb 
WWPDB D_1300038843 ?            ?                   
# 
loop_
_pdbx_audit_revision_history.ordinal 
_pdbx_audit_revision_history.data_content_type 
_pdbx_audit_revision_history.major_revision 
_pdbx_audit_revision_history.minor_revision 
_pdbx_audit_revision_history.revision_date 
1 'Structure model' 1 0 2024-07-03 
2 'Structure model' 1 1 2024-08-07 
# 
_pdbx_audit_revision_details.ordinal             1 
_pdbx_audit_revision_details.revision_ordinal    1 
_pdbx_audit_revision_details.data_content_type   'Structure model' 
_pdbx_audit_revision_details.provider            repository 
_pdbx_audit_revision_details.type                'Initial release' 
_pdbx_audit_revision_details.description         ? 
_pdbx_audit_revision_details.details             ? 
# 
_pdbx_audit_revision_group.ordinal             1 
_pdbx_audit_revision_group.revision_ordinal    2 
_pdbx_audit_revision_group.data_content_type   'Structure model' 
_pdbx_audit_revision_group.group               'Database references' 
# 
loop_
_pdbx_audit_revision_category.ordinal 
_pdbx_audit_revision_category.revision_ordinal 
_pdbx_audit_revision_category.data_content_type 
_pdbx_audit_revision_category.category 
1 2 'Structure model' citation        
2 2 'Structure model' citation_author 
# 
loop_
_pdbx_audit_revision_item.ordinal 
_pdbx_audit_revision_item.revision_ordinal 
_pdbx_audit_revision_item.data_content_type 
_pdbx_audit_revision_item.item 
1  2 'Structure model' '_citation.country'                 
2  2 'Structure model' '_citation.journal_abbrev'          
3  2 'Structure model' '_citation.journal_id_CSD'          
4  2 'Structure model' '_citation.journal_id_ISSN'         
5  2 'Structure model' '_citation.journal_volume'          
6  2 'Structure model' '_citation.page_first'              
7  2 'Structure model' '_citation.page_last'               
8  2 'Structure model' '_citation.pdbx_database_id_DOI'    
9  2 'Structure model' '_citation.pdbx_database_id_PubMed' 
10 2 'Structure model' '_citation.title'                   
11 2 'Structure model' '_citation.year'                    
12 2 'Structure model' '_citation_author.identifier_ORCID' 
# 
_pdbx_database_status.status_code                     REL 
_pdbx_database_status.status_code_sf                  REL 
_pdbx_database_status.status_code_mr                  ? 
_pdbx_database_status.entry_id                        8JVU 
_pdbx_database_status.recvd_initial_deposition_date   2023-06-28 
_pdbx_database_status.SG_entry                        N 
_pdbx_database_status.deposit_site                    PDBJ 
_pdbx_database_status.process_site                    PDBJ 
_pdbx_database_status.status_code_cs                  ? 
_pdbx_database_status.status_code_nmr_data            ? 
_pdbx_database_status.methods_development_category    ? 
_pdbx_database_status.pdb_format_compatible           Y 
# 
_pdbx_contact_author.id                 2 
_pdbx_contact_author.email              shunsuke.tagami@riken.jp 
_pdbx_contact_author.name_first         Shunsuke 
_pdbx_contact_author.name_last          Tagami 
_pdbx_contact_author.name_mi            ? 
_pdbx_contact_author.role               'principal investigator/group leader' 
_pdbx_contact_author.identifier_ORCID   0000-0002-1720-3627 
# 
loop_
_audit_author.name 
_audit_author.pdbx_ordinal 
_audit_author.identifier_ORCID 
'Yagi, S.'   1 ? 
'Tagami, S.' 2 ? 
# 
_citation.abstract                  ? 
_citation.abstract_id_CAS           ? 
_citation.book_id_ISBN              ? 
_citation.book_publisher            ? 
_citation.book_publisher_city       ? 
_citation.book_title                ? 
_citation.coordinate_linkage        ? 
_citation.country                   UK 
_citation.database_id_Medline       ? 
_citation.details                   ? 
_citation.id                        primary 
_citation.journal_abbrev            'Nat Commun' 
_citation.journal_id_ASTM           ? 
_citation.journal_id_CSD            ? 
_citation.journal_id_ISSN           2041-1723 
_citation.journal_full              ? 
_citation.journal_issue             ? 
_citation.journal_volume            15 
_citation.language                  ? 
_citation.page_first                5938 
_citation.page_last                 5938 
_citation.title                     
'An ancestral fold reveals the evolutionary link between RNA polymerase and ribosomal proteins.' 
_citation.year                      2024 
_citation.database_id_CSD           ? 
_citation.pdbx_database_id_DOI      10.1038/s41467-024-50013-9 
_citation.pdbx_database_id_PubMed   39025855 
_citation.pdbx_database_id_patent   ? 
_citation.unpublished_flag          ? 
# 
loop_
_citation_author.citation_id 
_citation_author.name 
_citation_author.ordinal 
_citation_author.identifier_ORCID 
primary 'Yagi, S.'   1 0000-0002-7117-3318 
primary 'Tagami, S.' 2 0000-0002-1720-3627 
# 
loop_
_entity.id 
_entity.type 
_entity.src_method 
_entity.pdbx_description 
_entity.formula_weight 
_entity.pdbx_number_of_molecules 
_entity.pdbx_ec 
_entity.pdbx_mutation 
_entity.pdbx_fragment 
_entity.details 
1 polymer man tkoL2_v1.2 6005.189 1 ? ? ? ? 
2 water   nat water      18.015   1 ? ? ? ? 
# 
_entity_poly.entity_id                      1 
_entity_poly.type                           'polypeptide(L)' 
_entity_poly.nstd_linkage                   no 
_entity_poly.nstd_monomer                   no 
_entity_poly.pdbx_seq_one_letter_code       GPMPGKKFVARVEEILHDPGRTAPVARVKFEDGTKRVVIIPKGIKVGDVVEVKKV 
_entity_poly.pdbx_seq_one_letter_code_can   GPMPGKKFVARVEEILHDPGRTAPVARVKFEDGTKRVVIIPKGIKVGDVVEVKKV 
_entity_poly.pdbx_strand_id                 A 
_entity_poly.pdbx_target_identifier         ? 
# 
_pdbx_entity_nonpoly.entity_id   2 
_pdbx_entity_nonpoly.name        water 
_pdbx_entity_nonpoly.comp_id     HOH 
# 
loop_
_entity_poly_seq.entity_id 
_entity_poly_seq.num 
_entity_poly_seq.mon_id 
_entity_poly_seq.hetero 
1 1  GLY n 
1 2  PRO n 
1 3  MET n 
1 4  PRO n 
1 5  GLY n 
1 6  LYS n 
1 7  LYS n 
1 8  PHE n 
1 9  VAL n 
1 10 ALA n 
1 11 ARG n 
1 12 VAL n 
1 13 GLU n 
1 14 GLU n 
1 15 ILE n 
1 16 LEU n 
1 17 HIS n 
1 18 ASP n 
1 19 PRO n 
1 20 GLY n 
1 21 ARG n 
1 22 THR n 
1 23 ALA n 
1 24 PRO n 
1 25 VAL n 
1 26 ALA n 
1 27 ARG n 
1 28 VAL n 
1 29 LYS n 
1 30 PHE n 
1 31 GLU n 
1 32 ASP n 
1 33 GLY n 
1 34 THR n 
1 35 LYS n 
1 36 ARG n 
1 37 VAL n 
1 38 VAL n 
1 39 ILE n 
1 40 ILE n 
1 41 PRO n 
1 42 LYS n 
1 43 GLY n 
1 44 ILE n 
1 45 LYS n 
1 46 VAL n 
1 47 GLY n 
1 48 ASP n 
1 49 VAL n 
1 50 VAL n 
1 51 GLU n 
1 52 VAL n 
1 53 LYS n 
1 54 LYS n 
1 55 VAL n 
# 
_entity_src_gen.entity_id                          1 
_entity_src_gen.pdbx_src_id                        1 
_entity_src_gen.pdbx_alt_source_flag               sample 
_entity_src_gen.pdbx_seq_type                      'Biological sequence' 
_entity_src_gen.pdbx_beg_seq_num                   1 
_entity_src_gen.pdbx_end_seq_num                   55 
_entity_src_gen.gene_src_common_name               ? 
_entity_src_gen.gene_src_genus                     ? 
_entity_src_gen.pdbx_gene_src_gene                 ? 
_entity_src_gen.gene_src_species                   ? 
_entity_src_gen.gene_src_strain                    ? 
_entity_src_gen.gene_src_tissue                    ? 
_entity_src_gen.gene_src_tissue_fraction           ? 
_entity_src_gen.gene_src_details                   ? 
_entity_src_gen.pdbx_gene_src_fragment             ? 
_entity_src_gen.pdbx_gene_src_scientific_name      'synthetic construct' 
_entity_src_gen.pdbx_gene_src_ncbi_taxonomy_id     32630 
_entity_src_gen.pdbx_gene_src_variant              ? 
_entity_src_gen.pdbx_gene_src_cell_line            ? 
_entity_src_gen.pdbx_gene_src_atcc                 ? 
_entity_src_gen.pdbx_gene_src_organ                ? 
_entity_src_gen.pdbx_gene_src_organelle            ? 
_entity_src_gen.pdbx_gene_src_cell                 ? 
_entity_src_gen.pdbx_gene_src_cellular_location    ? 
_entity_src_gen.host_org_common_name               ? 
_entity_src_gen.pdbx_host_org_scientific_name      'Escherichia coli BL21(DE3)' 
_entity_src_gen.pdbx_host_org_ncbi_taxonomy_id     469008 
_entity_src_gen.host_org_genus                     ? 
_entity_src_gen.pdbx_host_org_gene                 ? 
_entity_src_gen.pdbx_host_org_organ                ? 
_entity_src_gen.host_org_species                   ? 
_entity_src_gen.pdbx_host_org_tissue               ? 
_entity_src_gen.pdbx_host_org_tissue_fraction      ? 
_entity_src_gen.pdbx_host_org_strain               ? 
_entity_src_gen.pdbx_host_org_variant              ? 
_entity_src_gen.pdbx_host_org_cell_line            ? 
_entity_src_gen.pdbx_host_org_atcc                 ? 
_entity_src_gen.pdbx_host_org_culture_collection   ? 
_entity_src_gen.pdbx_host_org_cell                 ? 
_entity_src_gen.pdbx_host_org_organelle            ? 
_entity_src_gen.pdbx_host_org_cellular_location    ? 
_entity_src_gen.pdbx_host_org_vector_type          ? 
_entity_src_gen.pdbx_host_org_vector               ? 
_entity_src_gen.host_org_details                   ? 
_entity_src_gen.expression_system_id               ? 
_entity_src_gen.plasmid_name                       ? 
_entity_src_gen.plasmid_details                    ? 
_entity_src_gen.pdbx_description                   ? 
# 
loop_
_chem_comp.id 
_chem_comp.type 
_chem_comp.mon_nstd_flag 
_chem_comp.name 
_chem_comp.pdbx_synonyms 
_chem_comp.formula 
_chem_comp.formula_weight 
ALA 'L-peptide linking' y ALANINE         ? 'C3 H7 N O2'     89.093  
ARG 'L-peptide linking' y ARGININE        ? 'C6 H15 N4 O2 1' 175.209 
ASP 'L-peptide linking' y 'ASPARTIC ACID' ? 'C4 H7 N O4'     133.103 
GLU 'L-peptide linking' y 'GLUTAMIC ACID' ? 'C5 H9 N O4'     147.129 
GLY 'peptide linking'   y GLYCINE         ? 'C2 H5 N O2'     75.067  
HIS 'L-peptide linking' y HISTIDINE       ? 'C6 H10 N3 O2 1' 156.162 
HOH non-polymer         . WATER           ? 'H2 O'           18.015  
ILE 'L-peptide linking' y ISOLEUCINE      ? 'C6 H13 N O2'    131.173 
LEU 'L-peptide linking' y LEUCINE         ? 'C6 H13 N O2'    131.173 
LYS 'L-peptide linking' y LYSINE          ? 'C6 H15 N2 O2 1' 147.195 
MET 'L-peptide linking' y METHIONINE      ? 'C5 H11 N O2 S'  149.211 
PHE 'L-peptide linking' y PHENYLALANINE   ? 'C9 H11 N O2'    165.189 
PRO 'L-peptide linking' y PROLINE         ? 'C5 H9 N O2'     115.130 
THR 'L-peptide linking' y THREONINE       ? 'C4 H9 N O3'     119.119 
VAL 'L-peptide linking' y VALINE          ? 'C5 H11 N O2'    117.146 
# 
loop_
_pdbx_poly_seq_scheme.asym_id 
_pdbx_poly_seq_scheme.entity_id 
_pdbx_poly_seq_scheme.seq_id 
_pdbx_poly_seq_scheme.mon_id 
_pdbx_poly_seq_scheme.ndb_seq_num 
_pdbx_poly_seq_scheme.pdb_seq_num 
_pdbx_poly_seq_scheme.auth_seq_num 
_pdbx_poly_seq_scheme.pdb_mon_id 
_pdbx_poly_seq_scheme.auth_mon_id 
_pdbx_poly_seq_scheme.pdb_strand_id 
_pdbx_poly_seq_scheme.pdb_ins_code 
_pdbx_poly_seq_scheme.hetero 
A 1 1  GLY 1  1  ?  ?   ?   A . n 
A 1 2  PRO 2  2  ?  ?   ?   A . n 
A 1 3  MET 3  3  ?  ?   ?   A . n 
A 1 4  PRO 4  4  4  PRO PRO A . n 
A 1 5  GLY 5  5  5  GLY GLY A . n 
A 1 6  LYS 6  6  6  LYS LYS A . n 
A 1 7  LYS 7  7  7  LYS LYS A . n 
A 1 8  PHE 8  8  8  PHE PHE A . n 
A 1 9  VAL 9  9  9  VAL VAL A . n 
A 1 10 ALA 10 10 10 ALA ALA A . n 
A 1 11 ARG 11 11 11 ARG ARG A . n 
A 1 12 VAL 12 12 12 VAL VAL A . n 
A 1 13 GLU 13 13 13 GLU GLU A . n 
A 1 14 GLU 14 14 14 GLU GLU A . n 
A 1 15 ILE 15 15 15 ILE ILE A . n 
A 1 16 LEU 16 16 16 LEU LEU A . n 
A 1 17 HIS 17 17 17 HIS HIS A . n 
A 1 18 ASP 18 18 18 ASP ASP A . n 
A 1 19 PRO 19 19 19 PRO PRO A . n 
A 1 20 GLY 20 20 ?  ?   ?   A . n 
A 1 21 ARG 21 21 ?  ?   ?   A . n 
A 1 22 THR 22 22 ?  ?   ?   A . n 
A 1 23 ALA 23 23 ?  ?   ?   A . n 
A 1 24 PRO 24 24 24 PRO PRO A . n 
A 1 25 VAL 25 25 25 VAL VAL A . n 
A 1 26 ALA 26 26 26 ALA ALA A . n 
A 1 27 ARG 27 27 27 ARG ARG A . n 
A 1 28 VAL 28 28 28 VAL VAL A . n 
A 1 29 LYS 29 29 29 LYS LYS A . n 
A 1 30 PHE 30 30 30 PHE PHE A . n 
A 1 31 GLU 31 31 31 GLU GLU A . n 
A 1 32 ASP 32 32 32 ASP ASP A . n 
A 1 33 GLY 33 33 33 GLY GLY A . n 
A 1 34 THR 34 34 34 THR THR A . n 
A 1 35 LYS 35 35 35 LYS LYS A . n 
A 1 36 ARG 36 36 36 ARG ARG A . n 
A 1 37 VAL 37 37 37 VAL VAL A . n 
A 1 38 VAL 38 38 38 VAL VAL A . n 
A 1 39 ILE 39 39 39 ILE ILE A . n 
A 1 40 ILE 40 40 40 ILE ILE A . n 
A 1 41 PRO 41 41 41 PRO PRO A . n 
A 1 42 LYS 42 42 42 LYS LYS A . n 
A 1 43 GLY 43 43 43 GLY GLY A . n 
A 1 44 ILE 44 44 44 ILE ILE A . n 
A 1 45 LYS 45 45 45 LYS LYS A . n 
A 1 46 VAL 46 46 46 VAL VAL A . n 
A 1 47 GLY 47 47 47 GLY GLY A . n 
A 1 48 ASP 48 48 48 ASP ASP A . n 
A 1 49 VAL 49 49 49 VAL VAL A . n 
A 1 50 VAL 50 50 50 VAL VAL A . n 
A 1 51 GLU 51 51 51 GLU GLU A . n 
A 1 52 VAL 52 52 52 VAL VAL A . n 
A 1 53 LYS 53 53 53 LYS LYS A . n 
A 1 54 LYS 54 54 54 LYS LYS A . n 
A 1 55 VAL 55 55 ?  ?   ?   A . n 
# 
_pdbx_nonpoly_scheme.asym_id         B 
_pdbx_nonpoly_scheme.entity_id       2 
_pdbx_nonpoly_scheme.mon_id          HOH 
_pdbx_nonpoly_scheme.ndb_seq_num     1 
_pdbx_nonpoly_scheme.pdb_seq_num     101 
_pdbx_nonpoly_scheme.auth_seq_num    1 
_pdbx_nonpoly_scheme.pdb_mon_id      HOH 
_pdbx_nonpoly_scheme.auth_mon_id     HOH 
_pdbx_nonpoly_scheme.pdb_strand_id   A 
_pdbx_nonpoly_scheme.pdb_ins_code    . 
# 
loop_
_software.citation_id 
_software.classification 
_software.compiler_name 
_software.compiler_version 
_software.contact_author 
_software.contact_author_email 
_software.date 
_software.description 
_software.dependencies 
_software.hardware 
_software.language 
_software.location 
_software.mods 
_software.name 
_software.os 
_software.os_version 
_software.type 
_software.version 
_software.pdbx_ordinal 
? refinement       ? ? ? ? ? ? ? ? ? ? ? PHENIX ? ? ? '(1.14_3260: ???)' 1 
? 'data reduction' ? ? ? ? ? ? ? ? ? ? ? XDS    ? ? ? .                  2 
? 'data scaling'   ? ? ? ? ? ? ? ? ? ? ? XDS    ? ? ? .                  3 
? phasing          ? ? ? ? ? ? ? ? ? ? ? PHENIX ? ? ? .                  4 
# 
_cell.angle_alpha                  90.00 
_cell.angle_alpha_esd              ? 
_cell.angle_beta                   90.00 
_cell.angle_beta_esd               ? 
_cell.angle_gamma                  120.00 
_cell.angle_gamma_esd              ? 
_cell.entry_id                     8JVU 
_cell.details                      ? 
_cell.formula_units_Z              ? 
_cell.length_a                     32.718 
_cell.length_a_esd                 ? 
_cell.length_b                     32.718 
_cell.length_b_esd                 ? 
_cell.length_c                     76.000 
_cell.length_c_esd                 ? 
_cell.volume                       ? 
_cell.volume_esd                   ? 
_cell.Z_PDB                        6 
_cell.reciprocal_angle_alpha       ? 
_cell.reciprocal_angle_beta        ? 
_cell.reciprocal_angle_gamma       ? 
_cell.reciprocal_angle_alpha_esd   ? 
_cell.reciprocal_angle_beta_esd    ? 
_cell.reciprocal_angle_gamma_esd   ? 
_cell.reciprocal_length_a          ? 
_cell.reciprocal_length_b          ? 
_cell.reciprocal_length_c          ? 
_cell.reciprocal_length_a_esd      ? 
_cell.reciprocal_length_b_esd      ? 
_cell.reciprocal_length_c_esd      ? 
_cell.pdbx_unique_axis             ? 
_cell.pdbx_esd_method              ? 
# 
_symmetry.entry_id                         8JVU 
_symmetry.cell_setting                     ? 
_symmetry.Int_Tables_number                169 
_symmetry.space_group_name_Hall            ? 
_symmetry.space_group_name_H-M             'P 61' 
_symmetry.pdbx_full_space_group_name_H-M   ? 
# 
_exptl.absorpt_coefficient_mu     ? 
_exptl.absorpt_correction_T_max   ? 
_exptl.absorpt_correction_T_min   ? 
_exptl.absorpt_correction_type    ? 
_exptl.absorpt_process_details    ? 
_exptl.entry_id                   8JVU 
_exptl.crystals_number            1 
_exptl.details                    ? 
_exptl.method                     'X-RAY DIFFRACTION' 
_exptl.method_details             ? 
# 
_exptl_crystal.colour                       ? 
_exptl_crystal.density_diffrn               ? 
_exptl_crystal.density_Matthews             1.96 
_exptl_crystal.density_method               ? 
_exptl_crystal.density_percent_sol          37.10 
_exptl_crystal.description                  ? 
_exptl_crystal.F_000                        ? 
_exptl_crystal.id                           1 
_exptl_crystal.preparation                  ? 
_exptl_crystal.size_max                     ? 
_exptl_crystal.size_mid                     ? 
_exptl_crystal.size_min                     ? 
_exptl_crystal.size_rad                     ? 
_exptl_crystal.colour_lustre                ? 
_exptl_crystal.colour_modifier              ? 
_exptl_crystal.colour_primary               ? 
_exptl_crystal.density_meas                 ? 
_exptl_crystal.density_meas_esd             ? 
_exptl_crystal.density_meas_gt              ? 
_exptl_crystal.density_meas_lt              ? 
_exptl_crystal.density_meas_temp            ? 
_exptl_crystal.density_meas_temp_esd        ? 
_exptl_crystal.density_meas_temp_gt         ? 
_exptl_crystal.density_meas_temp_lt         ? 
_exptl_crystal.pdbx_crystal_image_url       ? 
_exptl_crystal.pdbx_crystal_image_format    ? 
_exptl_crystal.pdbx_mosaicity               ? 
_exptl_crystal.pdbx_mosaicity_esd           ? 
_exptl_crystal.pdbx_mosaic_method           ? 
_exptl_crystal.pdbx_mosaic_block_size       ? 
_exptl_crystal.pdbx_mosaic_block_size_esd   ? 
# 
_exptl_crystal_grow.apparatus       ? 
_exptl_crystal_grow.atmosphere      ? 
_exptl_crystal_grow.crystal_id      1 
_exptl_crystal_grow.details         ? 
_exptl_crystal_grow.method          'VAPOR DIFFUSION, SITTING DROP' 
_exptl_crystal_grow.method_ref      ? 
_exptl_crystal_grow.pH              ? 
_exptl_crystal_grow.pressure        ? 
_exptl_crystal_grow.pressure_esd    ? 
_exptl_crystal_grow.seeding         ? 
_exptl_crystal_grow.seeding_ref     ? 
_exptl_crystal_grow.temp_details    ? 
_exptl_crystal_grow.temp_esd        ? 
_exptl_crystal_grow.time            ? 
_exptl_crystal_grow.pdbx_details    '30% 2-propanol, 100mM Tris-HCl pH8.5, 30% PEG 3350' 
_exptl_crystal_grow.pdbx_pH_range   ? 
_exptl_crystal_grow.temp            293 
# 
_diffrn.ambient_environment              ? 
_diffrn.ambient_temp                     100 
_diffrn.ambient_temp_details             ? 
_diffrn.ambient_temp_esd                 ? 
_diffrn.crystal_id                       1 
_diffrn.crystal_support                  ? 
_diffrn.crystal_treatment                ? 
_diffrn.details                          ? 
_diffrn.id                               1 
_diffrn.ambient_pressure                 ? 
_diffrn.ambient_pressure_esd             ? 
_diffrn.ambient_pressure_gt              ? 
_diffrn.ambient_pressure_lt              ? 
_diffrn.ambient_temp_gt                  ? 
_diffrn.ambient_temp_lt                  ? 
_diffrn.pdbx_serial_crystal_experiment   N 
# 
_diffrn_detector.details                      ? 
_diffrn_detector.detector                     PIXEL 
_diffrn_detector.diffrn_id                    1 
_diffrn_detector.type                         'DECTRIS PILATUS 6M' 
_diffrn_detector.area_resol_mean              ? 
_diffrn_detector.dtime                        ? 
_diffrn_detector.pdbx_frames_total            ? 
_diffrn_detector.pdbx_collection_time_total   ? 
_diffrn_detector.pdbx_collection_date         2022-10-12 
_diffrn_detector.pdbx_frequency               ? 
_diffrn_detector.id                           ? 
_diffrn_detector.number_of_axes               ? 
# 
_diffrn_radiation.collimation                      ? 
_diffrn_radiation.diffrn_id                        1 
_diffrn_radiation.filter_edge                      ? 
_diffrn_radiation.inhomogeneity                    ? 
_diffrn_radiation.monochromator                    ? 
_diffrn_radiation.polarisn_norm                    ? 
_diffrn_radiation.polarisn_ratio                   ? 
_diffrn_radiation.probe                            ? 
_diffrn_radiation.type                             ? 
_diffrn_radiation.xray_symbol                      ? 
_diffrn_radiation.wavelength_id                    1 
_diffrn_radiation.pdbx_monochromatic_or_laue_m_l   M 
_diffrn_radiation.pdbx_wavelength_list             ? 
_diffrn_radiation.pdbx_wavelength                  ? 
_diffrn_radiation.pdbx_diffrn_protocol             'SINGLE WAVELENGTH' 
_diffrn_radiation.pdbx_analyzer                    ? 
_diffrn_radiation.pdbx_scattering_type             x-ray 
# 
_diffrn_radiation_wavelength.id           1 
_diffrn_radiation_wavelength.wavelength   1 
_diffrn_radiation_wavelength.wt           1.0 
# 
_diffrn_source.current                     ? 
_diffrn_source.details                     ? 
_diffrn_source.diffrn_id                   1 
_diffrn_source.power                       ? 
_diffrn_source.size                        ? 
_diffrn_source.source                      SYNCHROTRON 
_diffrn_source.target                      ? 
_diffrn_source.type                        'PHOTON FACTORY BEAMLINE BL-5A' 
_diffrn_source.voltage                     ? 
_diffrn_source.take-off_angle              ? 
_diffrn_source.pdbx_wavelength_list        1 
_diffrn_source.pdbx_wavelength             ? 
_diffrn_source.pdbx_synchrotron_beamline   BL-5A 
_diffrn_source.pdbx_synchrotron_site       'Photon Factory' 
# 
_reflns.B_iso_Wilson_estimate                          ? 
_reflns.entry_id                                       8JVU 
_reflns.data_reduction_details                         ? 
_reflns.data_reduction_method                          ? 
_reflns.d_resolution_high                              2.5 
_reflns.d_resolution_low                               50 
_reflns.details                                        ? 
_reflns.limit_h_max                                    ? 
_reflns.limit_h_min                                    ? 
_reflns.limit_k_max                                    ? 
_reflns.limit_k_min                                    ? 
_reflns.limit_l_max                                    ? 
_reflns.limit_l_min                                    ? 
_reflns.number_all                                     ? 
_reflns.number_obs                                     3109 
_reflns.observed_criterion                             ? 
_reflns.observed_criterion_F_max                       ? 
_reflns.observed_criterion_F_min                       ? 
_reflns.observed_criterion_I_max                       ? 
_reflns.observed_criterion_I_min                       ? 
_reflns.observed_criterion_sigma_F                     ? 
_reflns.observed_criterion_sigma_I                     ? 
_reflns.percent_possible_obs                           100 
_reflns.R_free_details                                 ? 
_reflns.Rmerge_F_all                                   ? 
_reflns.Rmerge_F_obs                                   ? 
_reflns.Friedel_coverage                               ? 
_reflns.number_gt                                      ? 
_reflns.threshold_expression                           ? 
_reflns.pdbx_redundancy                                5.3 
_reflns.pdbx_netI_over_av_sigmaI                       ? 
_reflns.pdbx_netI_over_sigmaI                          12.74 
_reflns.pdbx_res_netI_over_av_sigmaI_2                 ? 
_reflns.pdbx_res_netI_over_sigmaI_2                    ? 
_reflns.pdbx_chi_squared                               ? 
_reflns.pdbx_scaling_rejects                           ? 
_reflns.pdbx_d_res_high_opt                            ? 
_reflns.pdbx_d_res_low_opt                             ? 
_reflns.pdbx_d_res_opt_method                          ? 
_reflns.phase_calculation_details                      ? 
_reflns.pdbx_Rrim_I_all                                ? 
_reflns.pdbx_Rpim_I_all                                ? 
_reflns.pdbx_d_opt                                     ? 
_reflns.pdbx_number_measured_all                       ? 
_reflns.pdbx_diffrn_id                                 1 
_reflns.pdbx_ordinal                                   1 
_reflns.pdbx_CC_half                                   0.99 
_reflns.pdbx_CC_star                                   ? 
_reflns.pdbx_R_split                                   ? 
_reflns.pdbx_Rmerge_I_obs                              ? 
_reflns.pdbx_Rmerge_I_all                              ? 
_reflns.pdbx_Rsym_value                                ? 
_reflns.pdbx_CC_split_method                           ? 
_reflns.pdbx_aniso_diffraction_limit_axis_1_ortho[1]   ? 
_reflns.pdbx_aniso_diffraction_limit_axis_1_ortho[2]   ? 
_reflns.pdbx_aniso_diffraction_limit_axis_1_ortho[3]   ? 
_reflns.pdbx_aniso_diffraction_limit_axis_2_ortho[1]   ? 
_reflns.pdbx_aniso_diffraction_limit_axis_2_ortho[2]   ? 
_reflns.pdbx_aniso_diffraction_limit_axis_2_ortho[3]   ? 
_reflns.pdbx_aniso_diffraction_limit_axis_3_ortho[1]   ? 
_reflns.pdbx_aniso_diffraction_limit_axis_3_ortho[2]   ? 
_reflns.pdbx_aniso_diffraction_limit_axis_3_ortho[3]   ? 
_reflns.pdbx_aniso_diffraction_limit_1                 ? 
_reflns.pdbx_aniso_diffraction_limit_2                 ? 
_reflns.pdbx_aniso_diffraction_limit_3                 ? 
_reflns.pdbx_aniso_B_tensor_eigenvector_1_ortho[1]     ? 
_reflns.pdbx_aniso_B_tensor_eigenvector_1_ortho[2]     ? 
_reflns.pdbx_aniso_B_tensor_eigenvector_1_ortho[3]     ? 
_reflns.pdbx_aniso_B_tensor_eigenvector_2_ortho[1]     ? 
_reflns.pdbx_aniso_B_tensor_eigenvector_2_ortho[2]     ? 
_reflns.pdbx_aniso_B_tensor_eigenvector_2_ortho[3]     ? 
_reflns.pdbx_aniso_B_tensor_eigenvector_3_ortho[1]     ? 
_reflns.pdbx_aniso_B_tensor_eigenvector_3_ortho[2]     ? 
_reflns.pdbx_aniso_B_tensor_eigenvector_3_ortho[3]     ? 
_reflns.pdbx_aniso_B_tensor_eigenvalue_1               ? 
_reflns.pdbx_aniso_B_tensor_eigenvalue_2               ? 
_reflns.pdbx_aniso_B_tensor_eigenvalue_3               ? 
_reflns.pdbx_orthogonalization_convention              ? 
_reflns.pdbx_percent_possible_ellipsoidal              ? 
_reflns.pdbx_percent_possible_spherical                ? 
_reflns.pdbx_percent_possible_ellipsoidal_anomalous    ? 
_reflns.pdbx_percent_possible_spherical_anomalous      ? 
_reflns.pdbx_redundancy_anomalous                      ? 
_reflns.pdbx_CC_half_anomalous                         ? 
_reflns.pdbx_absDiff_over_sigma_anomalous              ? 
_reflns.pdbx_percent_possible_anomalous                ? 
_reflns.pdbx_observed_signal_threshold                 ? 
_reflns.pdbx_signal_type                               ? 
_reflns.pdbx_signal_details                            ? 
_reflns.pdbx_signal_software_id                        ? 
# 
_reflns_shell.d_res_high                                    2.5 
_reflns_shell.d_res_low                                     2.7 
_reflns_shell.meanI_over_sigI_all                           ? 
_reflns_shell.meanI_over_sigI_obs                           ? 
_reflns_shell.number_measured_all                           ? 
_reflns_shell.number_measured_obs                           ? 
_reflns_shell.number_possible                               ? 
_reflns_shell.number_unique_all                             ? 
_reflns_shell.number_unique_obs                             477 
_reflns_shell.percent_possible_obs                          ? 
_reflns_shell.Rmerge_F_all                                  ? 
_reflns_shell.Rmerge_F_obs                                  ? 
_reflns_shell.meanI_over_sigI_gt                            ? 
_reflns_shell.meanI_over_uI_all                             ? 
_reflns_shell.meanI_over_uI_gt                              ? 
_reflns_shell.number_measured_gt                            ? 
_reflns_shell.number_unique_gt                              ? 
_reflns_shell.percent_possible_gt                           ? 
_reflns_shell.Rmerge_F_gt                                   ? 
_reflns_shell.Rmerge_I_gt                                   ? 
_reflns_shell.pdbx_redundancy                               ? 
_reflns_shell.pdbx_chi_squared                              ? 
_reflns_shell.pdbx_netI_over_sigmaI_all                     ? 
_reflns_shell.pdbx_netI_over_sigmaI_obs                     ? 
_reflns_shell.pdbx_Rrim_I_all                               ? 
_reflns_shell.pdbx_Rpim_I_all                               ? 
_reflns_shell.pdbx_rejects                                  ? 
_reflns_shell.pdbx_ordinal                                  1 
_reflns_shell.pdbx_diffrn_id                                1 
_reflns_shell.pdbx_CC_half                                  0.38 
_reflns_shell.pdbx_CC_star                                  ? 
_reflns_shell.pdbx_R_split                                  ? 
_reflns_shell.percent_possible_all                          ? 
_reflns_shell.Rmerge_I_all                                  ? 
_reflns_shell.Rmerge_I_obs                                  ? 
_reflns_shell.pdbx_Rsym_value                               ? 
_reflns_shell.pdbx_percent_possible_ellipsoidal             ? 
_reflns_shell.pdbx_percent_possible_spherical               ? 
_reflns_shell.pdbx_percent_possible_ellipsoidal_anomalous   ? 
_reflns_shell.pdbx_percent_possible_spherical_anomalous     ? 
_reflns_shell.pdbx_redundancy_anomalous                     ? 
_reflns_shell.pdbx_CC_half_anomalous                        ? 
_reflns_shell.pdbx_absDiff_over_sigma_anomalous             ? 
_reflns_shell.pdbx_percent_possible_anomalous               ? 
# 
_refine.aniso_B[1][1]                            ? 
_refine.aniso_B[1][2]                            ? 
_refine.aniso_B[1][3]                            ? 
_refine.aniso_B[2][2]                            ? 
_refine.aniso_B[2][3]                            ? 
_refine.aniso_B[3][3]                            ? 
_refine.B_iso_max                                ? 
_refine.B_iso_mean                               ? 
_refine.B_iso_min                                ? 
_refine.correlation_coeff_Fo_to_Fc               ? 
_refine.correlation_coeff_Fo_to_Fc_free          ? 
_refine.details                                  ? 
_refine.diff_density_max                         ? 
_refine.diff_density_max_esd                     ? 
_refine.diff_density_min                         ? 
_refine.diff_density_min_esd                     ? 
_refine.diff_density_rms                         ? 
_refine.diff_density_rms_esd                     ? 
_refine.entry_id                                 8JVU 
_refine.pdbx_refine_id                           'X-RAY DIFFRACTION' 
_refine.ls_abs_structure_details                 ? 
_refine.ls_abs_structure_Flack                   ? 
_refine.ls_abs_structure_Flack_esd               ? 
_refine.ls_abs_structure_Rogers                  ? 
_refine.ls_abs_structure_Rogers_esd              ? 
_refine.ls_d_res_high                            2.505 
_refine.ls_d_res_low                             28.335 
_refine.ls_extinction_coef                       ? 
_refine.ls_extinction_coef_esd                   ? 
_refine.ls_extinction_expression                 ? 
_refine.ls_extinction_method                     ? 
_refine.ls_goodness_of_fit_all                   ? 
_refine.ls_goodness_of_fit_all_esd               ? 
_refine.ls_goodness_of_fit_obs                   ? 
_refine.ls_goodness_of_fit_obs_esd               ? 
_refine.ls_hydrogen_treatment                    ? 
_refine.ls_matrix_type                           ? 
_refine.ls_number_constraints                    ? 
_refine.ls_number_parameters                     ? 
_refine.ls_number_reflns_all                     ? 
_refine.ls_number_reflns_obs                     3103 
_refine.ls_number_reflns_R_free                  312 
_refine.ls_number_reflns_R_work                  ? 
_refine.ls_number_restraints                     ? 
_refine.ls_percent_reflns_obs                    99.81 
_refine.ls_percent_reflns_R_free                 10.05 
_refine.ls_R_factor_all                          ? 
_refine.ls_R_factor_obs                          0.2470 
_refine.ls_R_factor_R_free                       0.2689 
_refine.ls_R_factor_R_free_error                 ? 
_refine.ls_R_factor_R_free_error_details         ? 
_refine.ls_R_factor_R_work                       0.2446 
_refine.ls_R_Fsqd_factor_obs                     ? 
_refine.ls_R_I_factor_obs                        ? 
_refine.ls_redundancy_reflns_all                 ? 
_refine.ls_redundancy_reflns_obs                 ? 
_refine.ls_restrained_S_all                      ? 
_refine.ls_restrained_S_obs                      ? 
_refine.ls_shift_over_esd_max                    ? 
_refine.ls_shift_over_esd_mean                   ? 
_refine.ls_structure_factor_coef                 ? 
_refine.ls_weighting_details                     ? 
_refine.ls_weighting_scheme                      ? 
_refine.ls_wR_factor_all                         ? 
_refine.ls_wR_factor_obs                         ? 
_refine.ls_wR_factor_R_free                      ? 
_refine.ls_wR_factor_R_work                      ? 
_refine.occupancy_max                            ? 
_refine.occupancy_min                            ? 
_refine.solvent_model_details                    'FLAT BULK SOLVENT MODEL' 
_refine.solvent_model_param_bsol                 ? 
_refine.solvent_model_param_ksol                 ? 
_refine.pdbx_R_complete                          ? 
_refine.ls_R_factor_gt                           ? 
_refine.ls_goodness_of_fit_gt                    ? 
_refine.ls_goodness_of_fit_ref                   ? 
_refine.ls_shift_over_su_max                     ? 
_refine.ls_shift_over_su_max_lt                  ? 
_refine.ls_shift_over_su_mean                    ? 
_refine.ls_shift_over_su_mean_lt                 ? 
_refine.pdbx_ls_sigma_I                          ? 
_refine.pdbx_ls_sigma_F                          1.36 
_refine.pdbx_ls_sigma_Fsqd                       ? 
_refine.pdbx_data_cutoff_high_absF               ? 
_refine.pdbx_data_cutoff_high_rms_absF           ? 
_refine.pdbx_data_cutoff_low_absF                ? 
_refine.pdbx_isotropic_thermal_model             ? 
_refine.pdbx_ls_cross_valid_method               'FREE R-VALUE' 
_refine.pdbx_method_to_determine_struct          'MOLECULAR REPLACEMENT' 
_refine.pdbx_starting_model                      ? 
_refine.pdbx_stereochemistry_target_values       ML 
_refine.pdbx_R_Free_selection_details            ? 
_refine.pdbx_stereochem_target_val_spec_case     ? 
_refine.pdbx_overall_ESU_R                       ? 
_refine.pdbx_overall_ESU_R_Free                  ? 
_refine.pdbx_solvent_vdw_probe_radii             1.11 
_refine.pdbx_solvent_ion_probe_radii             ? 
_refine.pdbx_solvent_shrinkage_radii             0.90 
_refine.pdbx_real_space_R                        ? 
_refine.pdbx_density_correlation                 ? 
_refine.pdbx_pd_number_of_powder_patterns        ? 
_refine.pdbx_pd_number_of_points                 ? 
_refine.pdbx_pd_meas_number_of_points            ? 
_refine.pdbx_pd_proc_ls_prof_R_factor            ? 
_refine.pdbx_pd_proc_ls_prof_wR_factor           ? 
_refine.pdbx_pd_Marquardt_correlation_coeff      ? 
_refine.pdbx_pd_Fsqrd_R_factor                   ? 
_refine.pdbx_pd_ls_matrix_band_width             ? 
_refine.pdbx_overall_phase_error                 36.85 
_refine.pdbx_overall_SU_R_free_Cruickshank_DPI   ? 
_refine.pdbx_overall_SU_R_free_Blow_DPI          ? 
_refine.pdbx_overall_SU_R_Blow_DPI               ? 
_refine.pdbx_TLS_residual_ADP_flag               ? 
_refine.pdbx_diffrn_id                           1 
_refine.overall_SU_B                             ? 
_refine.overall_SU_ML                            0.39 
_refine.overall_SU_R_Cruickshank_DPI             ? 
_refine.overall_SU_R_free                        ? 
_refine.overall_FOM_free_R_set                   ? 
_refine.overall_FOM_work_R_set                   ? 
_refine.pdbx_average_fsc_overall                 ? 
_refine.pdbx_average_fsc_work                    ? 
_refine.pdbx_average_fsc_free                    ? 
# 
_refine_hist.pdbx_refine_id                   'X-RAY DIFFRACTION' 
_refine_hist.cycle_id                         LAST 
_refine_hist.details                          ? 
_refine_hist.d_res_high                       2.505 
_refine_hist.d_res_low                        28.335 
_refine_hist.number_atoms_solvent             1 
_refine_hist.number_atoms_total               369 
_refine_hist.number_reflns_all                ? 
_refine_hist.number_reflns_obs                ? 
_refine_hist.number_reflns_R_free             ? 
_refine_hist.number_reflns_R_work             ? 
_refine_hist.R_factor_all                     ? 
_refine_hist.R_factor_obs                     ? 
_refine_hist.R_factor_R_free                  ? 
_refine_hist.R_factor_R_work                  ? 
_refine_hist.pdbx_number_residues_total       ? 
_refine_hist.pdbx_B_iso_mean_ligand           ? 
_refine_hist.pdbx_B_iso_mean_solvent          ? 
_refine_hist.pdbx_number_atoms_protein        368 
_refine_hist.pdbx_number_atoms_nucleic_acid   0 
_refine_hist.pdbx_number_atoms_ligand         0 
_refine_hist.pdbx_number_atoms_lipid          ? 
_refine_hist.pdbx_number_atoms_carb           ? 
_refine_hist.pdbx_pseudo_atom_details         ? 
# 
loop_
_refine_ls_restr.pdbx_refine_id 
_refine_ls_restr.criterion 
_refine_ls_restr.dev_ideal 
_refine_ls_restr.dev_ideal_target 
_refine_ls_restr.number 
_refine_ls_restr.rejects 
_refine_ls_restr.type 
_refine_ls_restr.weight 
_refine_ls_restr.pdbx_restraint_function 
'X-RAY DIFFRACTION' ? 0.018  ? 373 ? f_bond_d           ? ? 
'X-RAY DIFFRACTION' ? 2.106  ? 497 ? f_angle_d          ? ? 
'X-RAY DIFFRACTION' ? 30.212 ? 149 ? f_dihedral_angle_d ? ? 
'X-RAY DIFFRACTION' ? 0.688  ? 59  ? f_chiral_restr     ? ? 
'X-RAY DIFFRACTION' ? 0.008  ? 60  ? f_plane_restr      ? ? 
# 
loop_
_refine_ls_shell.pdbx_refine_id 
_refine_ls_shell.d_res_high 
_refine_ls_shell.d_res_low 
_refine_ls_shell.number_reflns_all 
_refine_ls_shell.number_reflns_obs 
_refine_ls_shell.number_reflns_R_free 
_refine_ls_shell.number_reflns_R_work 
_refine_ls_shell.percent_reflns_obs 
_refine_ls_shell.percent_reflns_R_free 
_refine_ls_shell.R_factor_all 
_refine_ls_shell.R_factor_obs 
_refine_ls_shell.R_factor_R_free_error 
_refine_ls_shell.R_factor_R_work 
_refine_ls_shell.redundancy_reflns_all 
_refine_ls_shell.redundancy_reflns_obs 
_refine_ls_shell.wR_factor_all 
_refine_ls_shell.wR_factor_obs 
_refine_ls_shell.wR_factor_R_free 
_refine_ls_shell.wR_factor_R_work 
_refine_ls_shell.pdbx_R_complete 
_refine_ls_shell.pdbx_total_number_of_bins_used 
_refine_ls_shell.pdbx_phase_error 
_refine_ls_shell.pdbx_fsc_work 
_refine_ls_shell.pdbx_fsc_free 
_refine_ls_shell.R_factor_R_free 
'X-RAY DIFFRACTION' 2.505  3.1550 . . 152 1379 100.00 . . . . 0.3705 . . . . . . . . . . . 0.3744 
'X-RAY DIFFRACTION' 3.1550 28.335 . . 160 1412 100.00 . . . . 0.2172 . . . . . . . . . . . 0.2430 
# 
_struct.entry_id                     8JVU 
_struct.title                        'Crystal structure of the chimeric protein tkoL2_v1.2' 
_struct.pdbx_model_details           ? 
_struct.pdbx_formula_weight          ? 
_struct.pdbx_formula_weight_method   ? 
_struct.pdbx_model_type_details      ? 
_struct.pdbx_CASP_flag               N 
# 
_struct_keywords.entry_id        8JVU 
_struct_keywords.text            'OB fold, RIBOSOMAL PROTEIN' 
_struct_keywords.pdbx_keywords   'RIBOSOMAL PROTEIN' 
# 
loop_
_struct_asym.id 
_struct_asym.pdbx_blank_PDB_chainid_flag 
_struct_asym.pdbx_modified 
_struct_asym.entity_id 
_struct_asym.details 
A N N 1 ? 
B N N 2 ? 
# 
_struct_ref.id                         1 
_struct_ref.db_name                    PDB 
_struct_ref.db_code                    8JVU 
_struct_ref.pdbx_db_accession          8JVU 
_struct_ref.pdbx_db_isoform            ? 
_struct_ref.entity_id                  1 
_struct_ref.pdbx_seq_one_letter_code   ? 
_struct_ref.pdbx_align_begin           1 
# 
_struct_ref_seq.align_id                      1 
_struct_ref_seq.ref_id                        1 
_struct_ref_seq.pdbx_PDB_id_code              8JVU 
_struct_ref_seq.pdbx_strand_id                A 
_struct_ref_seq.seq_align_beg                 1 
_struct_ref_seq.pdbx_seq_align_beg_ins_code   ? 
_struct_ref_seq.seq_align_end                 55 
_struct_ref_seq.pdbx_seq_align_end_ins_code   ? 
_struct_ref_seq.pdbx_db_accession             8JVU 
_struct_ref_seq.db_align_beg                  1 
_struct_ref_seq.pdbx_db_align_beg_ins_code    ? 
_struct_ref_seq.db_align_end                  55 
_struct_ref_seq.pdbx_db_align_end_ins_code    ? 
_struct_ref_seq.pdbx_auth_seq_align_beg       1 
_struct_ref_seq.pdbx_auth_seq_align_end       55 
# 
_pdbx_struct_assembly.id                   1 
_pdbx_struct_assembly.details              author_defined_assembly 
_pdbx_struct_assembly.method_details       ? 
_pdbx_struct_assembly.oligomeric_details   dimeric 
_pdbx_struct_assembly.oligomeric_count     2 
# 
loop_
_pdbx_struct_assembly_gen.assembly_id 
_pdbx_struct_assembly_gen.oper_expression 
_pdbx_struct_assembly_gen.asym_id_list 
1 1 A,B 
1 2 A,B 
# 
_pdbx_struct_assembly_auth_evidence.id                     1 
_pdbx_struct_assembly_auth_evidence.assembly_id            1 
_pdbx_struct_assembly_auth_evidence.experimental_support   'gel filtration' 
_pdbx_struct_assembly_auth_evidence.details                ? 
# 
loop_
_pdbx_struct_oper_list.id 
_pdbx_struct_oper_list.type 
_pdbx_struct_oper_list.name 
_pdbx_struct_oper_list.symmetry_operation 
_pdbx_struct_oper_list.matrix[1][1] 
_pdbx_struct_oper_list.matrix[1][2] 
_pdbx_struct_oper_list.matrix[1][3] 
_pdbx_struct_oper_list.vector[1] 
_pdbx_struct_oper_list.matrix[2][1] 
_pdbx_struct_oper_list.matrix[2][2] 
_pdbx_struct_oper_list.matrix[2][3] 
_pdbx_struct_oper_list.vector[2] 
_pdbx_struct_oper_list.matrix[3][1] 
_pdbx_struct_oper_list.matrix[3][2] 
_pdbx_struct_oper_list.matrix[3][3] 
_pdbx_struct_oper_list.vector[3] 
1 'identity operation'         1_555 x,y,z       1.0000000000 0.0000000000 0.0000000000  0.0000000000 0.0000000000  1.0000000000 0.0000000000  0.0000000000  0.0000000000 0.0000000000 1.0000000000 0.0000000000   
2 'crystal symmetry operation' 6_555 x-y,x,z+1/6 0.5368858157 0.1304386594 -0.8335102741 1.4765341757 -0.3793152328 0.9198060126 -0.1003835316 -9.1502094072 0.7535738684 0.3700576379 0.5433081718 -13.1878061484 
# 
_struct_sheet.id               AA1 
_struct_sheet.type             ? 
_struct_sheet.number_strands   4 
_struct_sheet.details          ? 
# 
loop_
_struct_sheet_order.sheet_id 
_struct_sheet_order.range_id_1 
_struct_sheet_order.range_id_2 
_struct_sheet_order.offset 
_struct_sheet_order.sense 
AA1 1 2 ? anti-parallel 
AA1 2 3 ? anti-parallel 
AA1 3 4 ? anti-parallel 
# 
loop_
_struct_sheet_range.sheet_id 
_struct_sheet_range.id 
_struct_sheet_range.beg_label_comp_id 
_struct_sheet_range.beg_label_asym_id 
_struct_sheet_range.beg_label_seq_id 
_struct_sheet_range.pdbx_beg_PDB_ins_code 
_struct_sheet_range.end_label_comp_id 
_struct_sheet_range.end_label_asym_id 
_struct_sheet_range.end_label_seq_id 
_struct_sheet_range.pdbx_end_PDB_ins_code 
_struct_sheet_range.beg_auth_comp_id 
_struct_sheet_range.beg_auth_asym_id 
_struct_sheet_range.beg_auth_seq_id 
_struct_sheet_range.end_auth_comp_id 
_struct_sheet_range.end_auth_asym_id 
_struct_sheet_range.end_auth_seq_id 
AA1 1 LYS A 35 ? ILE A 39 ? LYS A 35 ILE A 39 
AA1 2 VAL A 25 ? LYS A 29 ? VAL A 25 LYS A 29 
AA1 3 VAL A 9  ? LEU A 16 ? VAL A 9  LEU A 16 
AA1 4 VAL A 49 ? GLU A 51 ? VAL A 49 GLU A 51 
# 
loop_
_pdbx_struct_sheet_hbond.sheet_id 
_pdbx_struct_sheet_hbond.range_id_1 
_pdbx_struct_sheet_hbond.range_id_2 
_pdbx_struct_sheet_hbond.range_1_label_atom_id 
_pdbx_struct_sheet_hbond.range_1_label_comp_id 
_pdbx_struct_sheet_hbond.range_1_label_asym_id 
_pdbx_struct_sheet_hbond.range_1_label_seq_id 
_pdbx_struct_sheet_hbond.range_1_PDB_ins_code 
_pdbx_struct_sheet_hbond.range_1_auth_atom_id 
_pdbx_struct_sheet_hbond.range_1_auth_comp_id 
_pdbx_struct_sheet_hbond.range_1_auth_asym_id 
_pdbx_struct_sheet_hbond.range_1_auth_seq_id 
_pdbx_struct_sheet_hbond.range_2_label_atom_id 
_pdbx_struct_sheet_hbond.range_2_label_comp_id 
_pdbx_struct_sheet_hbond.range_2_label_asym_id 
_pdbx_struct_sheet_hbond.range_2_label_seq_id 
_pdbx_struct_sheet_hbond.range_2_PDB_ins_code 
_pdbx_struct_sheet_hbond.range_2_auth_atom_id 
_pdbx_struct_sheet_hbond.range_2_auth_comp_id 
_pdbx_struct_sheet_hbond.range_2_auth_asym_id 
_pdbx_struct_sheet_hbond.range_2_auth_seq_id 
AA1 1 2 O ARG A 36 ? O ARG A 36 N VAL A 28 ? N VAL A 28 
AA1 2 3 O LYS A 29 ? O LYS A 29 N ARG A 11 ? N ARG A 11 
AA1 3 4 N ALA A 10 ? N ALA A 10 O VAL A 50 ? O VAL A 50 
# 
loop_
_pdbx_validate_close_contact.id 
_pdbx_validate_close_contact.PDB_model_num 
_pdbx_validate_close_contact.auth_atom_id_1 
_pdbx_validate_close_contact.auth_asym_id_1 
_pdbx_validate_close_contact.auth_comp_id_1 
_pdbx_validate_close_contact.auth_seq_id_1 
_pdbx_validate_close_contact.PDB_ins_code_1 
_pdbx_validate_close_contact.label_alt_id_1 
_pdbx_validate_close_contact.auth_atom_id_2 
_pdbx_validate_close_contact.auth_asym_id_2 
_pdbx_validate_close_contact.auth_comp_id_2 
_pdbx_validate_close_contact.auth_seq_id_2 
_pdbx_validate_close_contact.PDB_ins_code_2 
_pdbx_validate_close_contact.label_alt_id_2 
_pdbx_validate_close_contact.dist 
1 1 O  A GLU 13 ? ? CG1 A VAL 46 ? ? 1.91 
2 1 CA A GLY 5  ? ? NZ  A LYS 53 ? ? 2.06 
3 1 O  A PRO 4  ? ? NZ  A LYS 53 ? ? 2.15 
# 
_pdbx_validate_symm_contact.id                1 
_pdbx_validate_symm_contact.PDB_model_num     1 
_pdbx_validate_symm_contact.auth_atom_id_1    NZ 
_pdbx_validate_symm_contact.auth_asym_id_1    A 
_pdbx_validate_symm_contact.auth_comp_id_1    LYS 
_pdbx_validate_symm_contact.auth_seq_id_1     45 
_pdbx_validate_symm_contact.PDB_ins_code_1    ? 
_pdbx_validate_symm_contact.label_alt_id_1    ? 
_pdbx_validate_symm_contact.site_symmetry_1   1_555 
_pdbx_validate_symm_contact.auth_atom_id_2    NZ 
_pdbx_validate_symm_contact.auth_asym_id_2    A 
_pdbx_validate_symm_contact.auth_comp_id_2    LYS 
_pdbx_validate_symm_contact.auth_seq_id_2     54 
_pdbx_validate_symm_contact.PDB_ins_code_2    ? 
_pdbx_validate_symm_contact.label_alt_id_2    ? 
_pdbx_validate_symm_contact.site_symmetry_2   1_455 
_pdbx_validate_symm_contact.dist              1.81 
# 
loop_
_pdbx_validate_torsion.id 
_pdbx_validate_torsion.PDB_model_num 
_pdbx_validate_torsion.auth_comp_id 
_pdbx_validate_torsion.auth_asym_id 
_pdbx_validate_torsion.auth_seq_id 
_pdbx_validate_torsion.PDB_ins_code 
_pdbx_validate_torsion.label_alt_id 
_pdbx_validate_torsion.phi 
_pdbx_validate_torsion.psi 
1 1 GLU A 13 ? ? -102.69 -62.00  
2 1 ASP A 18 ? ? -160.76 92.42   
3 1 PHE A 30 ? ? -85.51  -149.57 
4 1 LYS A 53 ? ? -116.02 -137.43 
# 
loop_
_pdbx_unobs_or_zero_occ_residues.id 
_pdbx_unobs_or_zero_occ_residues.PDB_model_num 
_pdbx_unobs_or_zero_occ_residues.polymer_flag 
_pdbx_unobs_or_zero_occ_residues.occupancy_flag 
_pdbx_unobs_or_zero_occ_residues.auth_asym_id 
_pdbx_unobs_or_zero_occ_residues.auth_comp_id 
_pdbx_unobs_or_zero_occ_residues.auth_seq_id 
_pdbx_unobs_or_zero_occ_residues.PDB_ins_code 
_pdbx_unobs_or_zero_occ_residues.label_asym_id 
_pdbx_unobs_or_zero_occ_residues.label_comp_id 
_pdbx_unobs_or_zero_occ_residues.label_seq_id 
1 1 Y 1 A GLY 1  ? A GLY 1  
2 1 Y 1 A PRO 2  ? A PRO 2  
3 1 Y 1 A MET 3  ? A MET 3  
4 1 Y 1 A GLY 20 ? A GLY 20 
5 1 Y 1 A ARG 21 ? A ARG 21 
6 1 Y 1 A THR 22 ? A THR 22 
7 1 Y 1 A ALA 23 ? A ALA 23 
8 1 Y 1 A VAL 55 ? A VAL 55 
# 
loop_
_chem_comp_atom.comp_id 
_chem_comp_atom.atom_id 
_chem_comp_atom.type_symbol 
_chem_comp_atom.pdbx_aromatic_flag 
_chem_comp_atom.pdbx_stereo_config 
_chem_comp_atom.pdbx_ordinal 
ALA N    N N N 1   
ALA CA   C N S 2   
ALA C    C N N 3   
ALA O    O N N 4   
ALA CB   C N N 5   
ALA OXT  O N N 6   
ALA H    H N N 7   
ALA H2   H N N 8   
ALA HA   H N N 9   
ALA HB1  H N N 10  
ALA HB2  H N N 11  
ALA HB3  H N N 12  
ALA HXT  H N N 13  
ARG N    N N N 14  
ARG CA   C N S 15  
ARG C    C N N 16  
ARG O    O N N 17  
ARG CB   C N N 18  
ARG CG   C N N 19  
ARG CD   C N N 20  
ARG NE   N N N 21  
ARG CZ   C N N 22  
ARG NH1  N N N 23  
ARG NH2  N N N 24  
ARG OXT  O N N 25  
ARG H    H N N 26  
ARG H2   H N N 27  
ARG HA   H N N 28  
ARG HB2  H N N 29  
ARG HB3  H N N 30  
ARG HG2  H N N 31  
ARG HG3  H N N 32  
ARG HD2  H N N 33  
ARG HD3  H N N 34  
ARG HE   H N N 35  
ARG HH11 H N N 36  
ARG HH12 H N N 37  
ARG HH21 H N N 38  
ARG HH22 H N N 39  
ARG HXT  H N N 40  
ASP N    N N N 41  
ASP CA   C N S 42  
ASP C    C N N 43  
ASP O    O N N 44  
ASP CB   C N N 45  
ASP CG   C N N 46  
ASP OD1  O N N 47  
ASP OD2  O N N 48  
ASP OXT  O N N 49  
ASP H    H N N 50  
ASP H2   H N N 51  
ASP HA   H N N 52  
ASP HB2  H N N 53  
ASP HB3  H N N 54  
ASP HD2  H N N 55  
ASP HXT  H N N 56  
GLU N    N N N 57  
GLU CA   C N S 58  
GLU C    C N N 59  
GLU O    O N N 60  
GLU CB   C N N 61  
GLU CG   C N N 62  
GLU CD   C N N 63  
GLU OE1  O N N 64  
GLU OE2  O N N 65  
GLU OXT  O N N 66  
GLU H    H N N 67  
GLU H2   H N N 68  
GLU HA   H N N 69  
GLU HB2  H N N 70  
GLU HB3  H N N 71  
GLU HG2  H N N 72  
GLU HG3  H N N 73  
GLU HE2  H N N 74  
GLU HXT  H N N 75  
GLY N    N N N 76  
GLY CA   C N N 77  
GLY C    C N N 78  
GLY O    O N N 79  
GLY OXT  O N N 80  
GLY H    H N N 81  
GLY H2   H N N 82  
GLY HA2  H N N 83  
GLY HA3  H N N 84  
GLY HXT  H N N 85  
HIS N    N N N 86  
HIS CA   C N S 87  
HIS C    C N N 88  
HIS O    O N N 89  
HIS CB   C N N 90  
HIS CG   C Y N 91  
HIS ND1  N Y N 92  
HIS CD2  C Y N 93  
HIS CE1  C Y N 94  
HIS NE2  N Y N 95  
HIS OXT  O N N 96  
HIS H    H N N 97  
HIS H2   H N N 98  
HIS HA   H N N 99  
HIS HB2  H N N 100 
HIS HB3  H N N 101 
HIS HD1  H N N 102 
HIS HD2  H N N 103 
HIS HE1  H N N 104 
HIS HE2  H N N 105 
HIS HXT  H N N 106 
HOH O    O N N 107 
HOH H1   H N N 108 
HOH H2   H N N 109 
ILE N    N N N 110 
ILE CA   C N S 111 
ILE C    C N N 112 
ILE O    O N N 113 
ILE CB   C N S 114 
ILE CG1  C N N 115 
ILE CG2  C N N 116 
ILE CD1  C N N 117 
ILE OXT  O N N 118 
ILE H    H N N 119 
ILE H2   H N N 120 
ILE HA   H N N 121 
ILE HB   H N N 122 
ILE HG12 H N N 123 
ILE HG13 H N N 124 
ILE HG21 H N N 125 
ILE HG22 H N N 126 
ILE HG23 H N N 127 
ILE HD11 H N N 128 
ILE HD12 H N N 129 
ILE HD13 H N N 130 
ILE HXT  H N N 131 
LEU N    N N N 132 
LEU CA   C N S 133 
LEU C    C N N 134 
LEU O    O N N 135 
LEU CB   C N N 136 
LEU CG   C N N 137 
LEU CD1  C N N 138 
LEU CD2  C N N 139 
LEU OXT  O N N 140 
LEU H    H N N 141 
LEU H2   H N N 142 
LEU HA   H N N 143 
LEU HB2  H N N 144 
LEU HB3  H N N 145 
LEU HG   H N N 146 
LEU HD11 H N N 147 
LEU HD12 H N N 148 
LEU HD13 H N N 149 
LEU HD21 H N N 150 
LEU HD22 H N N 151 
LEU HD23 H N N 152 
LEU HXT  H N N 153 
LYS N    N N N 154 
LYS CA   C N S 155 
LYS C    C N N 156 
LYS O    O N N 157 
LYS CB   C N N 158 
LYS CG   C N N 159 
LYS CD   C N N 160 
LYS CE   C N N 161 
LYS NZ   N N N 162 
LYS OXT  O N N 163 
LYS H    H N N 164 
LYS H2   H N N 165 
LYS HA   H N N 166 
LYS HB2  H N N 167 
LYS HB3  H N N 168 
LYS HG2  H N N 169 
LYS HG3  H N N 170 
LYS HD2  H N N 171 
LYS HD3  H N N 172 
LYS HE2  H N N 173 
LYS HE3  H N N 174 
LYS HZ1  H N N 175 
LYS HZ2  H N N 176 
LYS HZ3  H N N 177 
LYS HXT  H N N 178 
MET N    N N N 179 
MET CA   C N S 180 
MET C    C N N 181 
MET O    O N N 182 
MET CB   C N N 183 
MET CG   C N N 184 
MET SD   S N N 185 
MET CE   C N N 186 
MET OXT  O N N 187 
MET H    H N N 188 
MET H2   H N N 189 
MET HA   H N N 190 
MET HB2  H N N 191 
MET HB3  H N N 192 
MET HG2  H N N 193 
MET HG3  H N N 194 
MET HE1  H N N 195 
MET HE2  H N N 196 
MET HE3  H N N 197 
MET HXT  H N N 198 
PHE N    N N N 199 
PHE CA   C N S 200 
PHE C    C N N 201 
PHE O    O N N 202 
PHE CB   C N N 203 
PHE CG   C Y N 204 
PHE CD1  C Y N 205 
PHE CD2  C Y N 206 
PHE CE1  C Y N 207 
PHE CE2  C Y N 208 
PHE CZ   C Y N 209 
PHE OXT  O N N 210 
PHE H    H N N 211 
PHE H2   H N N 212 
PHE HA   H N N 213 
PHE HB2  H N N 214 
PHE HB3  H N N 215 
PHE HD1  H N N 216 
PHE HD2  H N N 217 
PHE HE1  H N N 218 
PHE HE2  H N N 219 
PHE HZ   H N N 220 
PHE HXT  H N N 221 
PRO N    N N N 222 
PRO CA   C N S 223 
PRO C    C N N 224 
PRO O    O N N 225 
PRO CB   C N N 226 
PRO CG   C N N 227 
PRO CD   C N N 228 
PRO OXT  O N N 229 
PRO H    H N N 230 
PRO HA   H N N 231 
PRO HB2  H N N 232 
PRO HB3  H N N 233 
PRO HG2  H N N 234 
PRO HG3  H N N 235 
PRO HD2  H N N 236 
PRO HD3  H N N 237 
PRO HXT  H N N 238 
THR N    N N N 239 
THR CA   C N S 240 
THR C    C N N 241 
THR O    O N N 242 
THR CB   C N R 243 
THR OG1  O N N 244 
THR CG2  C N N 245 
THR OXT  O N N 246 
THR H    H N N 247 
THR H2   H N N 248 
THR HA   H N N 249 
THR HB   H N N 250 
THR HG1  H N N 251 
THR HG21 H N N 252 
THR HG22 H N N 253 
THR HG23 H N N 254 
THR HXT  H N N 255 
VAL N    N N N 256 
VAL CA   C N S 257 
VAL C    C N N 258 
VAL O    O N N 259 
VAL CB   C N N 260 
VAL CG1  C N N 261 
VAL CG2  C N N 262 
VAL OXT  O N N 263 
VAL H    H N N 264 
VAL H2   H N N 265 
VAL HA   H N N 266 
VAL HB   H N N 267 
VAL HG11 H N N 268 
VAL HG12 H N N 269 
VAL HG13 H N N 270 
VAL HG21 H N N 271 
VAL HG22 H N N 272 
VAL HG23 H N N 273 
VAL HXT  H N N 274 
# 
loop_
_chem_comp_bond.comp_id 
_chem_comp_bond.atom_id_1 
_chem_comp_bond.atom_id_2 
_chem_comp_bond.value_order 
_chem_comp_bond.pdbx_aromatic_flag 
_chem_comp_bond.pdbx_stereo_config 
_chem_comp_bond.pdbx_ordinal 
ALA N   CA   sing N N 1   
ALA N   H    sing N N 2   
ALA N   H2   sing N N 3   
ALA CA  C    sing N N 4   
ALA CA  CB   sing N N 5   
ALA CA  HA   sing N N 6   
ALA C   O    doub N N 7   
ALA C   OXT  sing N N 8   
ALA CB  HB1  sing N N 9   
ALA CB  HB2  sing N N 10  
ALA CB  HB3  sing N N 11  
ALA OXT HXT  sing N N 12  
ARG N   CA   sing N N 13  
ARG N   H    sing N N 14  
ARG N   H2   sing N N 15  
ARG CA  C    sing N N 16  
ARG CA  CB   sing N N 17  
ARG CA  HA   sing N N 18  
ARG C   O    doub N N 19  
ARG C   OXT  sing N N 20  
ARG CB  CG   sing N N 21  
ARG CB  HB2  sing N N 22  
ARG CB  HB3  sing N N 23  
ARG CG  CD   sing N N 24  
ARG CG  HG2  sing N N 25  
ARG CG  HG3  sing N N 26  
ARG CD  NE   sing N N 27  
ARG CD  HD2  sing N N 28  
ARG CD  HD3  sing N N 29  
ARG NE  CZ   sing N N 30  
ARG NE  HE   sing N N 31  
ARG CZ  NH1  sing N N 32  
ARG CZ  NH2  doub N N 33  
ARG NH1 HH11 sing N N 34  
ARG NH1 HH12 sing N N 35  
ARG NH2 HH21 sing N N 36  
ARG NH2 HH22 sing N N 37  
ARG OXT HXT  sing N N 38  
ASP N   CA   sing N N 39  
ASP N   H    sing N N 40  
ASP N   H2   sing N N 41  
ASP CA  C    sing N N 42  
ASP CA  CB   sing N N 43  
ASP CA  HA   sing N N 44  
ASP C   O    doub N N 45  
ASP C   OXT  sing N N 46  
ASP CB  CG   sing N N 47  
ASP CB  HB2  sing N N 48  
ASP CB  HB3  sing N N 49  
ASP CG  OD1  doub N N 50  
ASP CG  OD2  sing N N 51  
ASP OD2 HD2  sing N N 52  
ASP OXT HXT  sing N N 53  
GLU N   CA   sing N N 54  
GLU N   H    sing N N 55  
GLU N   H2   sing N N 56  
GLU CA  C    sing N N 57  
GLU CA  CB   sing N N 58  
GLU CA  HA   sing N N 59  
GLU C   O    doub N N 60  
GLU C   OXT  sing N N 61  
GLU CB  CG   sing N N 62  
GLU CB  HB2  sing N N 63  
GLU CB  HB3  sing N N 64  
GLU CG  CD   sing N N 65  
GLU CG  HG2  sing N N 66  
GLU CG  HG3  sing N N 67  
GLU CD  OE1  doub N N 68  
GLU CD  OE2  sing N N 69  
GLU OE2 HE2  sing N N 70  
GLU OXT HXT  sing N N 71  
GLY N   CA   sing N N 72  
GLY N   H    sing N N 73  
GLY N   H2   sing N N 74  
GLY CA  C    sing N N 75  
GLY CA  HA2  sing N N 76  
GLY CA  HA3  sing N N 77  
GLY C   O    doub N N 78  
GLY C   OXT  sing N N 79  
GLY OXT HXT  sing N N 80  
HIS N   CA   sing N N 81  
HIS N   H    sing N N 82  
HIS N   H2   sing N N 83  
HIS CA  C    sing N N 84  
HIS CA  CB   sing N N 85  
HIS CA  HA   sing N N 86  
HIS C   O    doub N N 87  
HIS C   OXT  sing N N 88  
HIS CB  CG   sing N N 89  
HIS CB  HB2  sing N N 90  
HIS CB  HB3  sing N N 91  
HIS CG  ND1  sing Y N 92  
HIS CG  CD2  doub Y N 93  
HIS ND1 CE1  doub Y N 94  
HIS ND1 HD1  sing N N 95  
HIS CD2 NE2  sing Y N 96  
HIS CD2 HD2  sing N N 97  
HIS CE1 NE2  sing Y N 98  
HIS CE1 HE1  sing N N 99  
HIS NE2 HE2  sing N N 100 
HIS OXT HXT  sing N N 101 
HOH O   H1   sing N N 102 
HOH O   H2   sing N N 103 
ILE N   CA   sing N N 104 
ILE N   H    sing N N 105 
ILE N   H2   sing N N 106 
ILE CA  C    sing N N 107 
ILE CA  CB   sing N N 108 
ILE CA  HA   sing N N 109 
ILE C   O    doub N N 110 
ILE C   OXT  sing N N 111 
ILE CB  CG1  sing N N 112 
ILE CB  CG2  sing N N 113 
ILE CB  HB   sing N N 114 
ILE CG1 CD1  sing N N 115 
ILE CG1 HG12 sing N N 116 
ILE CG1 HG13 sing N N 117 
ILE CG2 HG21 sing N N 118 
ILE CG2 HG22 sing N N 119 
ILE CG2 HG23 sing N N 120 
ILE CD1 HD11 sing N N 121 
ILE CD1 HD12 sing N N 122 
ILE CD1 HD13 sing N N 123 
ILE OXT HXT  sing N N 124 
LEU N   CA   sing N N 125 
LEU N   H    sing N N 126 
LEU N   H2   sing N N 127 
LEU CA  C    sing N N 128 
LEU CA  CB   sing N N 129 
LEU CA  HA   sing N N 130 
LEU C   O    doub N N 131 
LEU C   OXT  sing N N 132 
LEU CB  CG   sing N N 133 
LEU CB  HB2  sing N N 134 
LEU CB  HB3  sing N N 135 
LEU CG  CD1  sing N N 136 
LEU CG  CD2  sing N N 137 
LEU CG  HG   sing N N 138 
LEU CD1 HD11 sing N N 139 
LEU CD1 HD12 sing N N 140 
LEU CD1 HD13 sing N N 141 
LEU CD2 HD21 sing N N 142 
LEU CD2 HD22 sing N N 143 
LEU CD2 HD23 sing N N 144 
LEU OXT HXT  sing N N 145 
LYS N   CA   sing N N 146 
LYS N   H    sing N N 147 
LYS N   H2   sing N N 148 
LYS CA  C    sing N N 149 
LYS CA  CB   sing N N 150 
LYS CA  HA   sing N N 151 
LYS C   O    doub N N 152 
LYS C   OXT  sing N N 153 
LYS CB  CG   sing N N 154 
LYS CB  HB2  sing N N 155 
LYS CB  HB3  sing N N 156 
LYS CG  CD   sing N N 157 
LYS CG  HG2  sing N N 158 
LYS CG  HG3  sing N N 159 
LYS CD  CE   sing N N 160 
LYS CD  HD2  sing N N 161 
LYS CD  HD3  sing N N 162 
LYS CE  NZ   sing N N 163 
LYS CE  HE2  sing N N 164 
LYS CE  HE3  sing N N 165 
LYS NZ  HZ1  sing N N 166 
LYS NZ  HZ2  sing N N 167 
LYS NZ  HZ3  sing N N 168 
LYS OXT HXT  sing N N 169 
MET N   CA   sing N N 170 
MET N   H    sing N N 171 
MET N   H2   sing N N 172 
MET CA  C    sing N N 173 
MET CA  CB   sing N N 174 
MET CA  HA   sing N N 175 
MET C   O    doub N N 176 
MET C   OXT  sing N N 177 
MET CB  CG   sing N N 178 
MET CB  HB2  sing N N 179 
MET CB  HB3  sing N N 180 
MET CG  SD   sing N N 181 
MET CG  HG2  sing N N 182 
MET CG  HG3  sing N N 183 
MET SD  CE   sing N N 184 
MET CE  HE1  sing N N 185 
MET CE  HE2  sing N N 186 
MET CE  HE3  sing N N 187 
MET OXT HXT  sing N N 188 
PHE N   CA   sing N N 189 
PHE N   H    sing N N 190 
PHE N   H2   sing N N 191 
PHE CA  C    sing N N 192 
PHE CA  CB   sing N N 193 
PHE CA  HA   sing N N 194 
PHE C   O    doub N N 195 
PHE C   OXT  sing N N 196 
PHE CB  CG   sing N N 197 
PHE CB  HB2  sing N N 198 
PHE CB  HB3  sing N N 199 
PHE CG  CD1  doub Y N 200 
PHE CG  CD2  sing Y N 201 
PHE CD1 CE1  sing Y N 202 
PHE CD1 HD1  sing N N 203 
PHE CD2 CE2  doub Y N 204 
PHE CD2 HD2  sing N N 205 
PHE CE1 CZ   doub Y N 206 
PHE CE1 HE1  sing N N 207 
PHE CE2 CZ   sing Y N 208 
PHE CE2 HE2  sing N N 209 
PHE CZ  HZ   sing N N 210 
PHE OXT HXT  sing N N 211 
PRO N   CA   sing N N 212 
PRO N   CD   sing N N 213 
PRO N   H    sing N N 214 
PRO CA  C    sing N N 215 
PRO CA  CB   sing N N 216 
PRO CA  HA   sing N N 217 
PRO C   O    doub N N 218 
PRO C   OXT  sing N N 219 
PRO CB  CG   sing N N 220 
PRO CB  HB2  sing N N 221 
PRO CB  HB3  sing N N 222 
PRO CG  CD   sing N N 223 
PRO CG  HG2  sing N N 224 
PRO CG  HG3  sing N N 225 
PRO CD  HD2  sing N N 226 
PRO CD  HD3  sing N N 227 
PRO OXT HXT  sing N N 228 
THR N   CA   sing N N 229 
THR N   H    sing N N 230 
THR N   H2   sing N N 231 
THR CA  C    sing N N 232 
THR CA  CB   sing N N 233 
THR CA  HA   sing N N 234 
THR C   O    doub N N 235 
THR C   OXT  sing N N 236 
THR CB  OG1  sing N N 237 
THR CB  CG2  sing N N 238 
THR CB  HB   sing N N 239 
THR OG1 HG1  sing N N 240 
THR CG2 HG21 sing N N 241 
THR CG2 HG22 sing N N 242 
THR CG2 HG23 sing N N 243 
THR OXT HXT  sing N N 244 
VAL N   CA   sing N N 245 
VAL N   H    sing N N 246 
VAL N   H2   sing N N 247 
VAL CA  C    sing N N 248 
VAL CA  CB   sing N N 249 
VAL CA  HA   sing N N 250 
VAL C   O    doub N N 251 
VAL C   OXT  sing N N 252 
VAL CB  CG1  sing N N 253 
VAL CB  CG2  sing N N 254 
VAL CB  HB   sing N N 255 
VAL CG1 HG11 sing N N 256 
VAL CG1 HG12 sing N N 257 
VAL CG1 HG13 sing N N 258 
VAL CG2 HG21 sing N N 259 
VAL CG2 HG22 sing N N 260 
VAL CG2 HG23 sing N N 261 
VAL OXT HXT  sing N N 262 
# 
loop_
_pdbx_audit_support.funding_organization 
_pdbx_audit_support.country 
_pdbx_audit_support.grant_number 
_pdbx_audit_support.ordinal 
'Japan Society for the Promotion of Science (JSPS)' Japan 18H01328 1 
'Japan Society for the Promotion of Science (JSPS)' Japan 20K15854 2 
'Japan Society for the Promotion of Science (JSPS)' Japan 22H01346 3 
# 
_pdbx_initial_refinement_model.id               1 
_pdbx_initial_refinement_model.entity_id_list   ? 
_pdbx_initial_refinement_model.type             'experimental model' 
_pdbx_initial_refinement_model.source_name      PDB 
_pdbx_initial_refinement_model.accession_code   8JVT 
_pdbx_initial_refinement_model.details          ? 
# 
_atom_sites.entry_id                    8JVU 
_atom_sites.Cartn_transf_matrix[1][1]   ? 
_atom_sites.Cartn_transf_matrix[1][2]   ? 
_atom_sites.Cartn_transf_matrix[1][3]   ? 
_atom_sites.Cartn_transf_matrix[2][1]   ? 
_atom_sites.Cartn_transf_matrix[2][2]   ? 
_atom_sites.Cartn_transf_matrix[2][3]   ? 
_atom_sites.Cartn_transf_matrix[3][1]   ? 
_atom_sites.Cartn_transf_matrix[3][2]   ? 
_atom_sites.Cartn_transf_matrix[3][3]   ? 
_atom_sites.Cartn_transf_vector[1]      ? 
_atom_sites.Cartn_transf_vector[2]      ? 
_atom_sites.Cartn_transf_vector[3]      ? 
_atom_sites.fract_transf_matrix[1][1]   0.01973486 
_atom_sites.fract_transf_matrix[1][2]   -0.00348106 
_atom_sites.fract_transf_matrix[1][3]   0.02905093 
_atom_sites.fract_transf_matrix[2][1]   -0.01407337 
_atom_sites.fract_transf_matrix[2][2]   -0.01360419 
_atom_sites.fract_transf_matrix[2][3]   0.02936771 
_atom_sites.fract_transf_matrix[3][1]   0.00357384 
_atom_sites.fract_transf_matrix[3][2]   -0.01205672 
_atom_sites.fract_transf_matrix[3][3]   -0.00387249 
_atom_sites.fract_transf_vector[1]      0.038538 
_atom_sites.fract_transf_vector[2]      0.322134 
_atom_sites.fract_transf_vector[3]      0.065765 
_atom_sites.solution_primary            ? 
_atom_sites.solution_secondary          ? 
_atom_sites.solution_hydrogens          ? 
_atom_sites.special_details             ? 
# 
loop_
_atom_type.symbol 
C 
N 
O 
# 
loop_
_atom_site.group_PDB 
_atom_site.id 
_atom_site.type_symbol 
_atom_site.label_atom_id 
_atom_site.label_alt_id 
_atom_site.label_comp_id 
_atom_site.label_asym_id 
_atom_site.label_entity_id 
_atom_site.label_seq_id 
_atom_site.pdbx_PDB_ins_code 
_atom_site.Cartn_x 
_atom_site.Cartn_y 
_atom_site.Cartn_z 
_atom_site.occupancy 
_atom_site.B_iso_or_equiv 
_atom_site.pdbx_formal_charge 
_atom_site.auth_seq_id 
_atom_site.auth_comp_id 
_atom_site.auth_asym_id 
_atom_site.auth_atom_id 
_atom_site.pdbx_PDB_model_num 
ATOM   1   N N   . PRO A 1 4  ? 17.752  -4.817  -6.472  1.00 91.97  ? 4   PRO A N   1 
ATOM   2   C CA  . PRO A 1 4  ? 16.340  -4.894  -6.845  1.00 92.44  ? 4   PRO A CA  1 
ATOM   3   C C   . PRO A 1 4  ? 15.407  -4.457  -5.705  1.00 99.53  ? 4   PRO A C   1 
ATOM   4   O O   . PRO A 1 4  ? 14.754  -3.445  -5.821  1.00 104.52 ? 4   PRO A O   1 
ATOM   5   C CB  . PRO A 1 4  ? 16.179  -6.386  -7.116  1.00 83.21  ? 4   PRO A CB  1 
ATOM   6   C CG  . PRO A 1 4  ? 17.458  -6.745  -7.801  1.00 73.37  ? 4   PRO A CG  1 
ATOM   7   C CD  . PRO A 1 4  ? 18.492  -5.939  -7.054  1.00 79.48  ? 4   PRO A CD  1 
ATOM   8   N N   . GLY A 1 5  ? 15.365  -5.236  -4.625  1.00 94.03  ? 5   GLY A N   1 
ATOM   9   C CA  . GLY A 1 5  ? 14.498  -4.936  -3.469  1.00 92.94  ? 5   GLY A CA  1 
ATOM   10  C C   . GLY A 1 5  ? 14.047  -6.219  -2.799  1.00 93.23  ? 5   GLY A C   1 
ATOM   11  O O   . GLY A 1 5  ? 14.347  -7.291  -3.329  1.00 96.49  ? 5   GLY A O   1 
ATOM   12  N N   . LYS A 1 6  ? 13.388  -6.138  -1.651  1.00 89.53  ? 6   LYS A N   1 
ATOM   13  C CA  . LYS A 1 6  ? 12.953  -7.409  -1.027  1.00 90.33  ? 6   LYS A CA  1 
ATOM   14  C C   . LYS A 1 6  ? 11.483  -7.660  -1.344  1.00 86.82  ? 6   LYS A C   1 
ATOM   15  O O   . LYS A 1 6  ? 10.853  -6.803  -1.938  1.00 79.83  ? 6   LYS A O   1 
ATOM   16  C CB  . LYS A 1 6  ? 13.340  -7.521  0.449   1.00 85.51  ? 6   LYS A CB  1 
ATOM   17  C CG  . LYS A 1 6  ? 14.601  -6.771  0.859   1.00 87.90  ? 6   LYS A CG  1 
ATOM   18  C CD  . LYS A 1 6  ? 15.815  -6.990  -0.013  1.00 87.46  ? 6   LYS A CD  1 
ATOM   19  C CE  . LYS A 1 6  ? 16.794  -5.848  0.083   1.00 87.06  ? 6   LYS A CE  1 
ATOM   20  N NZ  . LYS A 1 6  ? 16.251  -4.638  -0.569  1.00 89.61  ? 6   LYS A NZ  1 
ATOM   21  N N   . LYS A 1 7  ? 10.989  -8.828  -0.951  1.00 82.48  ? 7   LYS A N   1 
ATOM   22  C CA  . LYS A 1 7  ? 9.620   -9.249  -1.311  1.00 80.10  ? 7   LYS A CA  1 
ATOM   23  C C   . LYS A 1 7  ? 8.698   -8.984  -0.136  1.00 76.19  ? 7   LYS A C   1 
ATOM   24  O O   . LYS A 1 7  ? 8.931   -9.597  0.888   1.00 80.24  ? 7   LYS A O   1 
ATOM   25  C CB  . LYS A 1 7  ? 9.630   -10.758 -1.583  1.00 89.65  ? 7   LYS A CB  1 
ATOM   26  C CG  . LYS A 1 7  ? 10.548  -11.267 -2.691  1.00 93.80  ? 7   LYS A CG  1 
ATOM   27  C CD  . LYS A 1 7  ? 10.116  -12.622 -3.262  1.00 96.92  ? 7   LYS A CD  1 
ATOM   28  C CE  . LYS A 1 7  ? 11.123  -13.281 -4.187  1.00 91.38  ? 7   LYS A CE  1 
ATOM   29  N NZ  . LYS A 1 7  ? 11.357  -14.709 -3.855  1.00 88.02  ? 7   LYS A NZ  1 
ATOM   30  N N   . PHE A 1 8  ? 7.702   -8.117  -0.309  1.00 69.98  ? 8   PHE A N   1 
ATOM   31  C CA  . PHE A 1 8  ? 6.731   -7.815  0.775   1.00 65.20  ? 8   PHE A CA  1 
ATOM   32  C C   . PHE A 1 8  ? 5.335   -7.619  0.215   1.00 64.25  ? 8   PHE A C   1 
ATOM   33  O O   . PHE A 1 8  ? 5.219   -6.964  -0.775  1.00 67.95  ? 8   PHE A O   1 
ATOM   34  C CB  . PHE A 1 8  ? 7.136   -6.559  1.525   1.00 57.97  ? 8   PHE A CB  1 
ATOM   35  C CG  . PHE A 1 8  ? 8.206   -6.793  2.548   1.00 62.22  ? 8   PHE A CG  1 
ATOM   36  C CD1 . PHE A 1 8  ? 7.901   -7.333  3.773   1.00 58.85  ? 8   PHE A CD1 1 
ATOM   37  C CD2 . PHE A 1 8  ? 9.518   -6.475  2.282   1.00 69.22  ? 8   PHE A CD2 1 
ATOM   38  C CE1 . PHE A 1 8  ? 8.886   -7.544  4.714   1.00 55.25  ? 8   PHE A CE1 1 
ATOM   39  C CE2 . PHE A 1 8  ? 10.503  -6.696  3.219   1.00 65.70  ? 8   PHE A CE2 1 
ATOM   40  C CZ  . PHE A 1 8  ? 10.183  -7.239  4.427   1.00 62.34  ? 8   PHE A CZ  1 
ATOM   41  N N   . VAL A 1 9  ? 4.323   -8.124  0.905   1.00 61.76  ? 9   VAL A N   1 
ATOM   42  C CA  . VAL A 1 9  ? 2.921   -8.032  0.419   1.00 63.93  ? 9   VAL A CA  1 
ATOM   43  C C   . VAL A 1 9  ? 2.146   -7.218  1.437   1.00 64.99  ? 9   VAL A C   1 
ATOM   44  O O   . VAL A 1 9  ? 2.341   -7.464  2.593   1.00 68.11  ? 9   VAL A O   1 
ATOM   45  C CB  . VAL A 1 9  ? 2.334   -9.451  0.292   1.00 63.02  ? 9   VAL A CB  1 
ATOM   46  C CG1 . VAL A 1 9  ? 0.949   -9.498  -0.320  1.00 55.09  ? 9   VAL A CG1 1 
ATOM   47  C CG2 . VAL A 1 9  ? 3.262   -10.369 -0.461  1.00 63.40  ? 9   VAL A CG2 1 
ATOM   48  N N   . ALA A 1 10 ? 1.293   -6.304  0.999   1.00 57.80  ? 10  ALA A N   1 
ATOM   49  C CA  . ALA A 1 10 ? 0.515   -5.488  1.942   1.00 59.93  ? 10  ALA A CA  1 
ATOM   50  C C   . ALA A 1 10 ? -0.914  -5.355  1.449   1.00 60.82  ? 10  ALA A C   1 
ATOM   51  O O   . ALA A 1 10 ? -1.126  -5.542  0.296   1.00 64.18  ? 10  ALA A O   1 
ATOM   52  C CB  . ALA A 1 10 ? 1.155   -4.144  2.061   1.00 62.58  ? 10  ALA A CB  1 
ATOM   53  N N   . ARG A 1 11 ? -1.842  -5.028  2.328   1.00 58.06  ? 11  ARG A N   1 
ATOM   54  C CA  . ARG A 1 11 ? -3.234  -4.889  1.872   1.00 65.45  ? 11  ARG A CA  1 
ATOM   55  C C   . ARG A 1 11 ? -3.682  -3.437  2.011   1.00 69.94  ? 11  ARG A C   1 
ATOM   56  O O   . ARG A 1 11 ? -3.509  -2.870  3.073   1.00 68.00  ? 11  ARG A O   1 
ATOM   57  C CB  . ARG A 1 11 ? -4.125  -5.871  2.618   1.00 74.68  ? 11  ARG A CB  1 
ATOM   58  C CG  . ARG A 1 11 ? -5.557  -5.873  2.117   1.00 68.62  ? 11  ARG A CG  1 
ATOM   59  C CD  . ARG A 1 11 ? -6.314  -6.839  2.969   1.00 73.98  ? 11  ARG A CD  1 
ATOM   60  N NE  . ARG A 1 11 ? -5.650  -8.044  2.597   1.00 88.23  ? 11  ARG A NE  1 
ATOM   61  C CZ  . ARG A 1 11 ? -5.981  -8.727  1.529   1.00 89.67  ? 11  ARG A CZ  1 
ATOM   62  N NH1 . ARG A 1 11 ? -5.326  -9.831  1.228   1.00 87.73  ? 11  ARG A NH1 1 
ATOM   63  N NH2 . ARG A 1 11 ? -6.976  -8.307  0.778   1.00 83.09  ? 11  ARG A NH2 1 
ATOM   64  N N   . VAL A 1 12 ? -4.268  -2.886  0.959   1.00 59.66  ? 12  VAL A N   1 
ATOM   65  C CA  . VAL A 1 12 ? -4.681  -1.467  0.949   1.00 60.87  ? 12  VAL A CA  1 
ATOM   66  C C   . VAL A 1 12 ? -5.983  -1.286  1.721   1.00 70.67  ? 12  VAL A C   1 
ATOM   67  O O   . VAL A 1 12 ? -6.986  -1.882  1.340   1.00 68.92  ? 12  VAL A O   1 
ATOM   68  C CB  . VAL A 1 12 ? -4.855  -0.971  -0.484  1.00 59.17  ? 12  VAL A CB  1 
ATOM   69  C CG1 . VAL A 1 12 ? -5.331  0.452   -0.487  1.00 66.58  ? 12  VAL A CG1 1 
ATOM   70  C CG2 . VAL A 1 12 ? -3.578  -1.074  -1.255  1.00 52.22  ? 12  VAL A CG2 1 
ATOM   71  N N   . GLU A 1 13 ? -5.955  -0.394  2.705   1.00 71.74  ? 13  GLU A N   1 
ATOM   72  C CA  . GLU A 1 13 ? -7.138  -0.117  3.543   1.00 65.28  ? 13  GLU A CA  1 
ATOM   73  C C   . GLU A 1 13 ? -7.775  1.185   3.102   1.00 65.72  ? 13  GLU A C   1 
ATOM   74  O O   . GLU A 1 13 ? -8.909  1.142   2.673   1.00 66.67  ? 13  GLU A O   1 
ATOM   75  C CB  . GLU A 1 13 ? -6.703  0.022   4.988   1.00 68.12  ? 13  GLU A CB  1 
ATOM   76  C CG  . GLU A 1 13 ? -5.965  -1.199  5.470   1.00 76.85  ? 13  GLU A CG  1 
ATOM   77  C CD  . GLU A 1 13 ? -6.088  -1.426  6.953   1.00 78.61  ? 13  GLU A CD  1 
ATOM   78  O OE1 . GLU A 1 13 ? -7.051  -2.024  7.371   1.00 81.43  ? 13  GLU A OE1 1 
ATOM   79  O OE2 . GLU A 1 13 ? -5.231  -0.975  7.660   1.00 85.29  ? 13  GLU A OE2 1 
ATOM   80  N N   . GLU A 1 14 ? -7.051  2.291   3.204   1.00 62.97  ? 14  GLU A N   1 
ATOM   81  C CA  . GLU A 1 14 ? -7.655  3.589   2.839   1.00 55.54  ? 14  GLU A CA  1 
ATOM   82  C C   . GLU A 1 14 ? -6.785  4.311   1.826   1.00 60.25  ? 14  GLU A C   1 
ATOM   83  O O   . GLU A 1 14 ? -5.606  4.300   1.983   1.00 64.97  ? 14  GLU A O   1 
ATOM   84  C CB  . GLU A 1 14 ? -7.843  4.451   4.083   1.00 60.54  ? 14  GLU A CB  1 
ATOM   85  C CG  . GLU A 1 14 ? -8.505  5.774   3.783   1.00 60.56  ? 14  GLU A CG  1 
ATOM   86  C CD  . GLU A 1 14 ? -9.468  6.329   4.806   1.00 66.75  ? 14  GLU A CD  1 
ATOM   87  O OE1 . GLU A 1 14 ? -9.062  6.521   5.940   1.00 71.48  ? 14  GLU A OE1 1 
ATOM   88  O OE2 . GLU A 1 14 ? -10.610 6.597   4.446   1.00 70.65  ? 14  GLU A OE2 1 
ATOM   89  N N   . ILE A 1 15 ? -7.396  4.890   0.803   1.00 58.44  ? 15  ILE A N   1 
ATOM   90  C CA  . ILE A 1 15 ? -6.634  5.670   -0.194  1.00 52.29  ? 15  ILE A CA  1 
ATOM   91  C C   . ILE A 1 15 ? -6.870  7.116   0.184   1.00 65.94  ? 15  ILE A C   1 
ATOM   92  O O   . ILE A 1 15 ? -7.996  7.453   0.466   1.00 67.56  ? 15  ILE A O   1 
ATOM   93  C CB  . ILE A 1 15 ? -7.114  5.420   -1.627  1.00 53.95  ? 15  ILE A CB  1 
ATOM   94  C CG1 . ILE A 1 15 ? -6.816  4.004   -2.105  1.00 64.99  ? 15  ILE A CG1 1 
ATOM   95  C CG2 . ILE A 1 15 ? -6.498  6.444   -2.545  1.00 59.89  ? 15  ILE A CG2 1 
ATOM   96  C CD1 . ILE A 1 15 ? -6.802  3.832   -3.592  1.00 58.37  ? 15  ILE A CD1 1 
ATOM   97  N N   . LEU A 1 16 ? -5.813  7.908   0.237   1.00 62.75  ? 16  LEU A N   1 
ATOM   98  C CA  . LEU A 1 16 ? -5.942  9.340   0.554   1.00 55.66  ? 16  LEU A CA  1 
ATOM   99  C C   . LEU A 1 16 ? -5.467  10.136  -0.651  1.00 60.58  ? 16  LEU A C   1 
ATOM   100 O O   . LEU A 1 16 ? -4.325  10.480  -0.716  1.00 60.98  ? 16  LEU A O   1 
ATOM   101 C CB  . LEU A 1 16 ? -5.079  9.624   1.771   1.00 58.70  ? 16  LEU A CB  1 
ATOM   102 C CG  . LEU A 1 16 ? -5.479  8.846   3.008   1.00 62.50  ? 16  LEU A CG  1 
ATOM   103 C CD1 . LEU A 1 16 ? -4.263  8.497   3.818   1.00 65.16  ? 16  LEU A CD1 1 
ATOM   104 C CD2 . LEU A 1 16 ? -6.427  9.658   3.840   1.00 60.95  ? 16  LEU A CD2 1 
ATOM   105 N N   . HIS A 1 17 ? -6.405  10.411  -1.521  1.00 69.99  ? 17  HIS A N   1 
ATOM   106 C CA  . HIS A 1 17 ? -6.176  11.193  -2.742  1.00 74.22  ? 17  HIS A CA  1 
ATOM   107 C C   . HIS A 1 17 ? -6.612  12.602  -2.412  1.00 67.65  ? 17  HIS A C   1 
ATOM   108 O O   . HIS A 1 17 ? -7.657  12.705  -1.823  1.00 75.08  ? 17  HIS A O   1 
ATOM   109 C CB  . HIS A 1 17 ? -7.121  10.645  -3.801  1.00 75.03  ? 17  HIS A CB  1 
ATOM   110 C CG  . HIS A 1 17 ? -6.617  10.766  -5.187  1.00 76.51  ? 17  HIS A CG  1 
ATOM   111 N ND1 . HIS A 1 17 ? -7.277  10.221  -6.236  1.00 80.05  ? 17  HIS A ND1 1 
ATOM   112 C CD2 . HIS A 1 17 ? -5.535  11.375  -5.689  1.00 72.29  ? 17  HIS A CD2 1 
ATOM   113 C CE1 . HIS A 1 17 ? -6.626  10.488  -7.338  1.00 83.67  ? 17  HIS A CE1 1 
ATOM   114 N NE2 . HIS A 1 17 ? -5.560  11.191  -7.030  1.00 83.08  ? 17  HIS A NE2 1 
ATOM   115 N N   . ASP A 1 18 ? -5.798  13.602  -2.718  1.00 69.70  ? 18  ASP A N   1 
ATOM   116 C CA  . ASP A 1 18 ? -6.193  15.009  -2.488  1.00 78.40  ? 18  ASP A CA  1 
ATOM   117 C C   . ASP A 1 18 ? -5.327  15.932  -3.333  1.00 79.96  ? 18  ASP A C   1 
ATOM   118 O O   . ASP A 1 18 ? -4.216  16.237  -2.912  1.00 75.41  ? 18  ASP A O   1 
ATOM   119 C CB  . ASP A 1 18 ? -6.192  15.433  -1.019  1.00 76.72  ? 18  ASP A CB  1 
ATOM   120 C CG  . ASP A 1 18 ? -7.263  16.477  -0.743  1.00 88.10  ? 18  ASP A CG  1 
ATOM   121 O OD1 . ASP A 1 18 ? -8.422  16.236  -1.086  1.00 83.48  ? 18  ASP A OD1 1 
ATOM   122 O OD2 . ASP A 1 18 ? -6.923  17.538  -0.234  1.00 94.47  ? 18  ASP A OD2 1 
ATOM   123 N N   . PRO A 1 19 ? -5.770  16.284  -4.554  1.00 83.46  ? 19  PRO A N   1 
ATOM   124 C CA  . PRO A 1 19 ? -5.075  17.255  -5.399  1.00 86.50  ? 19  PRO A CA  1 
ATOM   125 C C   . PRO A 1 19 ? -5.185  18.672  -4.819  1.00 78.96  ? 19  PRO A C   1 
ATOM   126 O O   . PRO A 1 19 ? -6.107  19.355  -5.180  1.00 72.59  ? 19  PRO A O   1 
ATOM   127 C CB  . PRO A 1 19 ? -5.825  17.168  -6.729  1.00 77.94  ? 19  PRO A CB  1 
ATOM   128 C CG  . PRO A 1 19 ? -6.412  15.794  -6.696  1.00 74.92  ? 19  PRO A CG  1 
ATOM   129 C CD  . PRO A 1 19 ? -6.854  15.636  -5.263  1.00 80.11  ? 19  PRO A CD  1 
ATOM   130 N N   . PRO A 1 24 ? -1.605  10.527  -4.934  1.00 64.35  ? 24  PRO A N   1 
ATOM   131 C CA  . PRO A 1 24 ? -2.430  9.734   -4.042  1.00 65.37  ? 24  PRO A CA  1 
ATOM   132 C C   . PRO A 1 24 ? -1.542  8.842   -3.181  1.00 58.28  ? 24  PRO A C   1 
ATOM   133 O O   . PRO A 1 24 ? -0.527  8.477   -3.617  1.00 61.94  ? 24  PRO A O   1 
ATOM   134 C CB  . PRO A 1 24 ? -3.153  8.816   -5.004  1.00 61.55  ? 24  PRO A CB  1 
ATOM   135 C CG  . PRO A 1 24 ? -2.068  8.457   -5.925  1.00 58.41  ? 24  PRO A CG  1 
ATOM   136 C CD  . PRO A 1 24 ? -1.374  9.773   -6.148  1.00 66.26  ? 24  PRO A CD  1 
ATOM   137 N N   . VAL A 1 25 ? -1.958  8.610   -1.934  1.00 55.47  ? 25  VAL A N   1 
ATOM   138 C CA  . VAL A 1 25 ? -1.201  7.751   -0.973  1.00 55.96  ? 25  VAL A CA  1 
ATOM   139 C C   . VAL A 1 25 ? -2.139  6.645   -0.477  1.00 48.10  ? 25  VAL A C   1 
ATOM   140 O O   . VAL A 1 25 ? -3.365  6.765   -0.692  1.00 53.23  ? 25  VAL A O   1 
ATOM   141 C CB  . VAL A 1 25 ? -0.635  8.577   0.198   1.00 58.58  ? 25  VAL A CB  1 
ATOM   142 C CG1 . VAL A 1 25 ? 0.846   8.877   0.014   1.00 48.79  ? 25  VAL A CG1 1 
ATOM   143 C CG2 . VAL A 1 25 ? -1.420  9.863   0.412   1.00 53.00  ? 25  VAL A CG2 1 
ATOM   144 N N   . ALA A 1 26 ? -1.599  5.608   0.173   1.00 57.47  ? 26  ALA A N   1 
ATOM   145 C CA  . ALA A 1 26 ? -2.491  4.539   0.628   1.00 58.79  ? 26  ALA A CA  1 
ATOM   146 C C   . ALA A 1 26 ? -2.063  4.028   1.980   1.00 52.85  ? 26  ALA A C   1 
ATOM   147 O O   . ALA A 1 26 ? -0.911  3.848   2.153   1.00 52.95  ? 26  ALA A O   1 
ATOM   148 C CB  . ALA A 1 26 ? -2.422  3.429   -0.365  1.00 55.67  ? 26  ALA A CB  1 
ATOM   149 N N   . ARG A 1 27 ? -2.998  3.845   2.899   1.00 61.35  ? 27  ARG A N   1 
ATOM   150 C CA  . ARG A 1 27 ? -2.572  3.204   4.157   1.00 61.91  ? 27  ARG A CA  1 
ATOM   151 C C   . ARG A 1 27 ? -2.678  1.718   3.912   1.00 64.15  ? 27  ARG A C   1 
ATOM   152 O O   . ARG A 1 27 ? -3.750  1.283   3.601   1.00 64.31  ? 27  ARG A O   1 
ATOM   153 C CB  . ARG A 1 27 ? -3.459  3.553   5.350   1.00 58.69  ? 27  ARG A CB  1 
ATOM   154 C CG  . ARG A 1 27 ? -2.765  3.316   6.683   1.00 63.25  ? 27  ARG A CG  1 
ATOM   155 C CD  . ARG A 1 27 ? -3.448  3.768   7.945   1.00 59.74  ? 27  ARG A CD  1 
ATOM   156 N NE  . ARG A 1 27 ? -3.450  5.189   8.154   1.00 58.28  ? 27  ARG A NE  1 
ATOM   157 C CZ  . ARG A 1 27 ? -4.428  5.961   7.746   1.00 60.90  ? 27  ARG A CZ  1 
ATOM   158 N NH1 . ARG A 1 27 ? -5.438  5.424   7.112   1.00 56.13  ? 27  ARG A NH1 1 
ATOM   159 N NH2 . ARG A 1 27 ? -4.406  7.252   7.955   1.00 65.40  ? 27  ARG A NH2 1 
ATOM   160 N N   . VAL A 1 28 ? -1.587  0.984   4.076   1.00 61.94  ? 28  VAL A N   1 
ATOM   161 C CA  . VAL A 1 28 ? -1.619  -0.472  3.795   1.00 64.72  ? 28  VAL A CA  1 
ATOM   162 C C   . VAL A 1 28 ? -1.153  -1.238  5.016   1.00 66.37  ? 28  VAL A C   1 
ATOM   163 O O   . VAL A 1 28 ? -0.295  -0.752  5.704   1.00 63.82  ? 28  VAL A O   1 
ATOM   164 C CB  . VAL A 1 28 ? -0.697  -0.793  2.620   1.00 64.01  ? 28  VAL A CB  1 
ATOM   165 C CG1 . VAL A 1 28 ? -0.949  0.146   1.464   1.00 58.07  ? 28  VAL A CG1 1 
ATOM   166 C CG2 . VAL A 1 28 ? 0.737   -0.732  3.066   1.00 60.72  ? 28  VAL A CG2 1 
ATOM   167 N N   . LYS A 1 29 ? -1.714  -2.420  5.214   1.00 65.63  ? 29  LYS A N   1 
ATOM   168 C CA  . LYS A 1 29 ? -1.342  -3.300  6.332   1.00 65.27  ? 29  LYS A CA  1 
ATOM   169 C C   . LYS A 1 29 ? -0.421  -4.352  5.749   1.00 68.15  ? 29  LYS A C   1 
ATOM   170 O O   . LYS A 1 29 ? -0.740  -4.816  4.692   1.00 69.66  ? 29  LYS A O   1 
ATOM   171 C CB  . LYS A 1 29 ? -2.594  -4.058  6.754   1.00 71.59  ? 29  LYS A CB  1 
ATOM   172 C CG  . LYS A 1 29 ? -3.405  -3.416  7.862   1.00 75.93  ? 29  LYS A CG  1 
ATOM   173 C CD  . LYS A 1 29 ? -4.394  -4.347  8.461   1.00 78.87  ? 29  LYS A CD  1 
ATOM   174 C CE  . LYS A 1 29 ? -4.449  -4.199  9.958   1.00 82.06  ? 29  LYS A CE  1 
ATOM   175 N NZ  . LYS A 1 29 ? -5.282  -5.249  10.580  1.00 83.94  ? 29  LYS A NZ  1 
ATOM   176 N N   . PHE A 1 30 ? 0.717   -4.660  6.352   1.00 70.90  ? 30  PHE A N   1 
ATOM   177 C CA  . PHE A 1 30 ? 1.573   -5.647  5.658   1.00 70.55  ? 30  PHE A CA  1 
ATOM   178 C C   . PHE A 1 30 ? 1.166   -7.067  6.011   1.00 76.29  ? 30  PHE A C   1 
ATOM   179 O O   . PHE A 1 30 ? -0.009  -7.327  6.252   1.00 73.21  ? 30  PHE A O   1 
ATOM   180 C CB  . PHE A 1 30 ? 3.057   -5.453  5.929   1.00 70.13  ? 30  PHE A CB  1 
ATOM   181 C CG  . PHE A 1 30 ? 3.740   -4.503  4.984   1.00 71.79  ? 30  PHE A CG  1 
ATOM   182 C CD1 . PHE A 1 30 ? 4.028   -4.881  3.699   1.00 66.07  ? 30  PHE A CD1 1 
ATOM   183 C CD2 . PHE A 1 30 ? 4.079   -3.226  5.369   1.00 70.23  ? 30  PHE A CD2 1 
ATOM   184 C CE1 . PHE A 1 30 ? 4.640   -4.010  2.826   1.00 60.47  ? 30  PHE A CE1 1 
ATOM   185 C CE2 . PHE A 1 30 ? 4.695   -2.358  4.499   1.00 71.22  ? 30  PHE A CE2 1 
ATOM   186 C CZ  . PHE A 1 30 ? 4.973   -2.754  3.228   1.00 65.10  ? 30  PHE A CZ  1 
ATOM   187 N N   . GLU A 1 31 ? 2.119   -7.992  6.011   1.00 79.72  ? 31  GLU A N   1 
ATOM   188 C CA  . GLU A 1 31 ? 1.730   -9.389  6.313   1.00 80.94  ? 31  GLU A CA  1 
ATOM   189 C C   . GLU A 1 31 ? 1.577   -9.531  7.823   1.00 84.21  ? 31  GLU A C   1 
ATOM   190 O O   . GLU A 1 31 ? 0.657   -10.231 8.258   1.00 85.69  ? 31  GLU A O   1 
ATOM   191 C CB  . GLU A 1 31 ? 2.773   -10.375 5.790   1.00 75.83  ? 31  GLU A CB  1 
ATOM   192 C CG  . GLU A 1 31 ? 2.779   -10.508 4.281   1.00 73.71  ? 31  GLU A CG  1 
ATOM   193 C CD  . GLU A 1 31 ? 2.670   -11.916 3.729   1.00 80.17  ? 31  GLU A CD  1 
ATOM   194 O OE1 . GLU A 1 31 ? 1.744   -12.619 4.122   1.00 82.75  ? 31  GLU A OE1 1 
ATOM   195 O OE2 . GLU A 1 31 ? 3.500   -12.289 2.894   1.00 73.10  ? 31  GLU A OE2 1 
ATOM   196 N N   . ASP A 1 32 ? 2.387   -8.786  8.570   1.00 83.54  ? 32  ASP A N   1 
ATOM   197 C CA  . ASP A 1 32 ? 2.455   -8.936  10.042  1.00 81.63  ? 32  ASP A CA  1 
ATOM   198 C C   . ASP A 1 32 ? 1.700   -7.840  10.793  1.00 76.49  ? 32  ASP A C   1 
ATOM   199 O O   . ASP A 1 32 ? 2.216   -7.407  11.806  1.00 80.32  ? 32  ASP A O   1 
ATOM   200 C CB  . ASP A 1 32 ? 3.923   -8.875  10.445  1.00 76.62  ? 32  ASP A CB  1 
ATOM   201 C CG  . ASP A 1 32 ? 4.595   -7.748  9.708   1.00 76.95  ? 32  ASP A CG  1 
ATOM   202 O OD1 . ASP A 1 32 ? 5.552   -8.011  8.977   1.00 79.54  ? 32  ASP A OD1 1 
ATOM   203 O OD2 . ASP A 1 32 ? 4.108   -6.635  9.842   1.00 73.10  ? 32  ASP A OD2 1 
ATOM   204 N N   . GLY A 1 33 ? 0.587   -7.318  10.278  1.00 78.59  ? 33  GLY A N   1 
ATOM   205 C CA  . GLY A 1 33 ? -0.193  -6.300  11.020  1.00 81.58  ? 33  GLY A CA  1 
ATOM   206 C C   . GLY A 1 33 ? 0.362   -4.877  11.030  1.00 79.41  ? 33  GLY A C   1 
ATOM   207 O O   . GLY A 1 33 ? -0.308  -3.998  11.580  1.00 73.67  ? 33  GLY A O   1 
ATOM   208 N N   . THR A 1 34 ? 1.584   -4.724  10.529  1.00 82.94  ? 34  THR A N   1 
ATOM   209 C CA  . THR A 1 34 ? 2.259   -3.416  10.397  1.00 79.62  ? 34  THR A CA  1 
ATOM   210 C C   . THR A 1 34 ? 1.404   -2.552  9.483   1.00 81.02  ? 34  THR A C   1 
ATOM   211 O O   . THR A 1 34 ? 0.759   -3.106  8.594   1.00 80.05  ? 34  THR A O   1 
ATOM   212 C CB  . THR A 1 34 ? 3.541   -3.577  9.585   1.00 74.65  ? 34  THR A CB  1 
ATOM   213 O OG1 . THR A 1 34 ? 4.172   -2.307  9.496   1.00 68.85  ? 34  THR A OG1 1 
ATOM   214 C CG2 . THR A 1 34 ? 3.254   -4.048  8.180   1.00 73.69  ? 34  THR A CG2 1 
ATOM   215 N N   . LYS A 1 35 ? 1.404   -1.244  9.710   1.00 78.11  ? 35  LYS A N   1 
ATOM   216 C CA  . LYS A 1 35 ? 0.641   -0.319  8.843   1.00 72.50  ? 35  LYS A CA  1 
ATOM   217 C C   . LYS A 1 35 ? 1.624   0.722   8.309   1.00 71.81  ? 35  LYS A C   1 
ATOM   218 O O   . LYS A 1 35 ? 2.362   1.303   9.098   1.00 71.81  ? 35  LYS A O   1 
ATOM   219 C CB  . LYS A 1 35 ? -0.518  0.327   9.611   1.00 81.46  ? 35  LYS A CB  1 
ATOM   220 C CG  . LYS A 1 35 ? -1.894  -0.277  9.373   1.00 77.23  ? 35  LYS A CG  1 
ATOM   221 C CD  . LYS A 1 35 ? -2.944  0.242   10.330  1.00 80.96  ? 35  LYS A CD  1 
ATOM   222 C CE  . LYS A 1 35 ? -3.955  -0.797  10.774  1.00 79.95  ? 35  LYS A CE  1 
ATOM   223 N NZ  . LYS A 1 35 ? -4.506  -0.510  12.122  1.00 73.38  ? 35  LYS A NZ  1 
ATOM   224 N N   . ARG A 1 36 ? 1.663   0.883   6.997   1.00 69.86  ? 36  ARG A N   1 
ATOM   225 C CA  . ARG A 1 36 ? 2.535   1.898   6.374   1.00 56.49  ? 36  ARG A CA  1 
ATOM   226 C C   . ARG A 1 36 ? 1.668   2.656   5.386   1.00 59.62  ? 36  ARG A C   1 
ATOM   227 O O   . ARG A 1 36 ? 0.749   2.064   4.838   1.00 66.95  ? 36  ARG A O   1 
ATOM   228 C CB  . ARG A 1 36 ? 3.667   1.229   5.604   1.00 56.51  ? 36  ARG A CB  1 
ATOM   229 C CG  . ARG A 1 36 ? 5.021   1.892   5.754   1.00 56.27  ? 36  ARG A CG  1 
ATOM   230 C CD  . ARG A 1 36 ? 6.002   0.840   6.204   1.00 61.64  ? 36  ARG A CD  1 
ATOM   231 N NE  . ARG A 1 36 ? 7.272   0.869   5.511   1.00 61.07  ? 36  ARG A NE  1 
ATOM   232 C CZ  . ARG A 1 36 ? 8.345   0.221   5.917   1.00 64.88  ? 36  ARG A CZ  1 
ATOM   233 N NH1 . ARG A 1 36 ? 9.464   0.297   5.232   1.00 70.43  ? 36  ARG A NH1 1 
ATOM   234 N NH2 . ARG A 1 36 ? 8.302   -0.517  7.000   1.00 71.96  ? 36  ARG A NH2 1 
ATOM   235 N N   . VAL A 1 37 ? 1.931   3.941   5.223   1.00 57.77  ? 37  VAL A N   1 
ATOM   236 C CA  . VAL A 1 37 ? 1.176   4.751   4.237   1.00 50.89  ? 37  VAL A CA  1 
ATOM   237 C C   . VAL A 1 37 ? 2.157   4.999   3.110   1.00 50.03  ? 37  VAL A C   1 
ATOM   238 O O   . VAL A 1 37 ? 3.085   5.750   3.321   1.00 50.88  ? 37  VAL A O   1 
ATOM   239 C CB  . VAL A 1 37 ? 0.689   6.060   4.867   1.00 60.84  ? 37  VAL A CB  1 
ATOM   240 C CG1 . VAL A 1 37 ? 0.064   6.969   3.829   1.00 63.24  ? 37  VAL A CG1 1 
ATOM   241 C CG2 . VAL A 1 37 ? -0.274  5.793   6.004   1.00 53.99  ? 37  VAL A CG2 1 
ATOM   242 N N   . VAL A 1 38 ? 1.942   4.349   1.977   1.00 51.31  ? 38  VAL A N   1 
ATOM   243 C CA  . VAL A 1 38 ? 2.903   4.430   0.857   1.00 54.02  ? 38  VAL A CA  1 
ATOM   244 C C   . VAL A 1 38 ? 2.308   5.183   -0.317  1.00 60.54  ? 38  VAL A C   1 
ATOM   245 O O   . VAL A 1 38 ? 1.138   5.458   -0.319  1.00 56.98  ? 38  VAL A O   1 
ATOM   246 C CB  . VAL A 1 38 ? 3.356   3.026   0.456   1.00 50.23  ? 38  VAL A CB  1 
ATOM   247 C CG1 . VAL A 1 38 ? 3.696   2.227   1.674   1.00 56.76  ? 38  VAL A CG1 1 
ATOM   248 C CG2 . VAL A 1 38 ? 2.294   2.305   -0.313  1.00 51.80  ? 38  VAL A CG2 1 
ATOM   249 N N   . ILE A 1 39 ? 3.174   5.523   -1.254  1.00 65.66  ? 39  ILE A N   1 
ATOM   250 C CA  . ILE A 1 39 ? 2.788   6.242   -2.484  1.00 62.14  ? 39  ILE A CA  1 
ATOM   251 C C   . ILE A 1 39 ? 2.433   5.197   -3.522  1.00 60.96  ? 39  ILE A C   1 
ATOM   252 O O   . ILE A 1 39 ? 3.235   4.344   -3.801  1.00 58.75  ? 39  ILE A O   1 
ATOM   253 C CB  . ILE A 1 39 ? 3.945   7.116   -2.955  1.00 62.20  ? 39  ILE A CB  1 
ATOM   254 C CG1 . ILE A 1 39 ? 3.809   7.438   -4.434  1.00 68.91  ? 39  ILE A CG1 1 
ATOM   255 C CG2 . ILE A 1 39 ? 5.243   6.416   -2.666  1.00 66.54  ? 39  ILE A CG2 1 
ATOM   256 C CD1 . ILE A 1 39 ? 5.010   8.118   -5.009  1.00 76.10  ? 39  ILE A CD1 1 
ATOM   257 N N   . ILE A 1 40 ? 1.229   5.306   -4.042  1.00 63.52  ? 40  ILE A N   1 
ATOM   258 C CA  . ILE A 1 40 ? 0.703   4.361   -5.044  1.00 66.14  ? 40  ILE A CA  1 
ATOM   259 C C   . ILE A 1 40 ? 0.268   5.170   -6.247  1.00 65.24  ? 40  ILE A C   1 
ATOM   260 O O   . ILE A 1 40 ? -0.112  6.298   -6.072  1.00 65.60  ? 40  ILE A O   1 
ATOM   261 C CB  . ILE A 1 40 ? -0.510  3.681   -4.428  1.00 61.70  ? 40  ILE A CB  1 
ATOM   262 C CG1 . ILE A 1 40 ? -1.538  4.730   -4.037  1.00 56.49  ? 40  ILE A CG1 1 
ATOM   263 C CG2 . ILE A 1 40 ? -0.087  2.871   -3.236  1.00 64.15  ? 40  ILE A CG2 1 
ATOM   264 C CD1 . ILE A 1 40 ? -2.800  4.147   -3.515  1.00 60.09  ? 40  ILE A CD1 1 
ATOM   265 N N   . PRO A 1 41 ? 0.284   4.614   -7.460  1.00 65.34  ? 41  PRO A N   1 
ATOM   266 C CA  . PRO A 1 41 ? -0.140  5.354   -8.622  1.00 70.65  ? 41  PRO A CA  1 
ATOM   267 C C   . PRO A 1 41 ? -1.661  5.428   -8.717  1.00 65.25  ? 41  PRO A C   1 
ATOM   268 O O   . PRO A 1 41 ? -2.326  4.708   -8.076  1.00 60.66  ? 41  PRO A O   1 
ATOM   269 C CB  . PRO A 1 41 ? 0.455   4.540   -9.760  1.00 62.34  ? 41  PRO A CB  1 
ATOM   270 C CG  . PRO A 1 41 ? 0.473   3.167   -9.221  1.00 63.22  ? 41  PRO A CG  1 
ATOM   271 C CD  . PRO A 1 41 ? 0.782   3.309   -7.757  1.00 56.33  ? 41  PRO A CD  1 
ATOM   272 N N   . LYS A 1 42 ? -2.167  6.335   -9.531  1.00 66.02  ? 42  LYS A N   1 
ATOM   273 C CA  . LYS A 1 42 ? -3.640  6.415   -9.607  1.00 70.44  ? 42  LYS A CA  1 
ATOM   274 C C   . LYS A 1 42 ? -4.122  5.194   -10.356 1.00 68.02  ? 42  LYS A C   1 
ATOM   275 O O   . LYS A 1 42 ? -3.657  5.001   -11.469 1.00 69.12  ? 42  LYS A O   1 
ATOM   276 C CB  . LYS A 1 42 ? -4.130  7.696   -10.285 1.00 80.10  ? 42  LYS A CB  1 
ATOM   277 C CG  . LYS A 1 42 ? -4.541  7.570   -11.744 1.00 85.89  ? 42  LYS A CG  1 
ATOM   278 C CD  . LYS A 1 42 ? -5.443  8.693   -12.220 1.00 78.06  ? 42  LYS A CD  1 
ATOM   279 C CE  . LYS A 1 42 ? -4.704  9.817   -12.908 1.00 79.22  ? 42  LYS A CE  1 
ATOM   280 N NZ  . LYS A 1 42 ? -5.554  11.024  -12.997 1.00 85.40  ? 42  LYS A NZ  1 
ATOM   281 N N   . GLY A 1 43 ? -4.979  4.414   -9.702  1.00 60.94  ? 43  GLY A N   1 
ATOM   282 C CA  . GLY A 1 43 ? -5.606  3.215   -10.274 1.00 62.53  ? 43  GLY A CA  1 
ATOM   283 C C   . GLY A 1 43 ? -5.866  2.191   -9.201  1.00 66.94  ? 43  GLY A C   1 
ATOM   284 O O   . GLY A 1 43 ? -6.704  1.321   -9.403  1.00 67.65  ? 43  GLY A O   1 
ATOM   285 N N   . ILE A 1 44 ? -5.151  2.325   -8.096  1.00 64.94  ? 44  ILE A N   1 
ATOM   286 C CA  . ILE A 1 44 ? -5.205  1.389   -6.948  1.00 58.79  ? 44  ILE A CA  1 
ATOM   287 C C   . ILE A 1 44 ? -6.532  1.563   -6.228  1.00 64.39  ? 44  ILE A C   1 
ATOM   288 O O   . ILE A 1 44 ? -7.044  2.658   -6.223  1.00 67.28  ? 44  ILE A O   1 
ATOM   289 C CB  . ILE A 1 44 ? -4.013  1.688   -6.036  1.00 53.98  ? 44  ILE A CB  1 
ATOM   290 C CG1 . ILE A 1 44 ? -2.717  1.640   -6.832  1.00 67.02  ? 44  ILE A CG1 1 
ATOM   291 C CG2 . ILE A 1 44 ? -3.949  0.733   -4.876  1.00 60.50  ? 44  ILE A CG2 1 
ATOM   292 C CD1 . ILE A 1 44 ? -2.265  0.249   -7.158  1.00 49.69  ? 44  ILE A CD1 1 
ATOM   293 N N   . LYS A 1 45 ? -7.045  0.491   -5.639  1.00 64.25  ? 45  LYS A N   1 
ATOM   294 C CA  . LYS A 1 45 ? -8.318  0.583   -4.893  1.00 61.44  ? 45  LYS A CA  1 
ATOM   295 C C   . LYS A 1 45 ? -8.127  -0.034  -3.513  1.00 61.67  ? 45  LYS A C   1 
ATOM   296 O O   . LYS A 1 45 ? -7.131  -0.684  -3.297  1.00 61.30  ? 45  LYS A O   1 
ATOM   297 C CB  . LYS A 1 45 ? -9.432  -0.155  -5.633  1.00 71.59  ? 45  LYS A CB  1 
ATOM   298 C CG  . LYS A 1 45 ? -9.483  0.028   -7.141  1.00 72.76  ? 45  LYS A CG  1 
ATOM   299 C CD  . LYS A 1 45 ? -10.056 -1.183  -7.846  1.00 75.99  ? 45  LYS A CD  1 
ATOM   300 C CE  . LYS A 1 45 ? -10.348 -0.968  -9.314  1.00 84.04  ? 45  LYS A CE  1 
ATOM   301 N NZ  . LYS A 1 45 ? -10.950 -2.173  -9.929  1.00 85.98  ? 45  LYS A NZ  1 
ATOM   302 N N   . VAL A 1 46 ? -9.080  0.160   -2.612  1.00 64.15  ? 46  VAL A N   1 
ATOM   303 C CA  . VAL A 1 46 ? -8.940  -0.431  -1.255  1.00 65.64  ? 46  VAL A CA  1 
ATOM   304 C C   . VAL A 1 46 ? -9.211  -1.921  -1.379  1.00 67.54  ? 46  VAL A C   1 
ATOM   305 O O   . VAL A 1 46 ? -10.009 -2.293  -2.229  1.00 70.88  ? 46  VAL A O   1 
ATOM   306 C CB  . VAL A 1 46 ? -9.894  0.236   -0.252  1.00 67.61  ? 46  VAL A CB  1 
ATOM   307 C CG1 . VAL A 1 46 ? -9.424  0.064   1.184   1.00 68.54  ? 46  VAL A CG1 1 
ATOM   308 C CG2 . VAL A 1 46 ? -10.073 1.703   -0.579  1.00 64.94  ? 46  VAL A CG2 1 
ATOM   309 N N   . GLY A 1 47 ? -8.540  -2.733  -0.570  1.00 68.90  ? 47  GLY A N   1 
ATOM   310 C CA  . GLY A 1 47 ? -8.744  -4.191  -0.620  1.00 64.92  ? 47  GLY A CA  1 
ATOM   311 C C   . GLY A 1 47 ? -7.763  -4.875  -1.552  1.00 65.47  ? 47  GLY A C   1 
ATOM   312 O O   . GLY A 1 47 ? -7.692  -6.104  -1.528  1.00 64.63  ? 47  GLY A O   1 
ATOM   313 N N   . ASP A 1 48 ? -7.001  -4.100  -2.321  1.00 61.90  ? 48  ASP A N   1 
ATOM   314 C CA  . ASP A 1 48 ? -6.017  -4.692  -3.254  1.00 61.41  ? 48  ASP A CA  1 
ATOM   315 C C   . ASP A 1 48 ? -4.826  -5.193  -2.459  1.00 56.86  ? 48  ASP A C   1 
ATOM   316 O O   . ASP A 1 48 ? -4.572  -4.685  -1.380  1.00 63.57  ? 48  ASP A O   1 
ATOM   317 C CB  . ASP A 1 48 ? -5.378  -3.662  -4.173  1.00 59.46  ? 48  ASP A CB  1 
ATOM   318 C CG  . ASP A 1 48 ? -6.291  -3.098  -5.228  1.00 65.28  ? 48  ASP A CG  1 
ATOM   319 O OD1 . ASP A 1 48 ? -7.359  -3.654  -5.417  1.00 67.64  ? 48  ASP A OD1 1 
ATOM   320 O OD2 . ASP A 1 48 ? -5.927  -2.089  -5.809  1.00 60.18  ? 48  ASP A OD2 1 
ATOM   321 N N   . VAL A 1 49 ? -4.113  -6.150  -3.023  1.00 58.20  ? 49  VAL A N   1 
ATOM   322 C CA  . VAL A 1 49 ? -2.886  -6.666  -2.377  1.00 58.45  ? 49  VAL A CA  1 
ATOM   323 C C   . VAL A 1 49 ? -1.759  -6.119  -3.233  1.00 54.53  ? 49  VAL A C   1 
ATOM   324 O O   . VAL A 1 49 ? -1.843  -6.280  -4.430  1.00 57.60  ? 49  VAL A O   1 
ATOM   325 C CB  . VAL A 1 49 ? -2.911  -8.196  -2.349  1.00 57.08  ? 49  VAL A CB  1 
ATOM   326 C CG1 . VAL A 1 49 ? -1.609  -8.772  -1.840  1.00 55.80  ? 49  VAL A CG1 1 
ATOM   327 C CG2 . VAL A 1 49 ? -4.067  -8.682  -1.505  1.00 64.66  ? 49  VAL A CG2 1 
ATOM   328 N N   . VAL A 1 50 ? -0.783  -5.445  -2.641  1.00 51.66  ? 50  VAL A N   1 
ATOM   329 C CA  . VAL A 1 50 ? 0.267   -4.839  -3.492  1.00 51.97  ? 50  VAL A CA  1 
ATOM   330 C C   . VAL A 1 50 ? 1.619   -5.364  -3.065  1.00 56.86  ? 50  VAL A C   1 
ATOM   331 O O   . VAL A 1 50 ? 1.749   -5.740  -1.941  1.00 62.96  ? 50  VAL A O   1 
ATOM   332 C CB  . VAL A 1 50 ? 0.243   -3.312  -3.355  1.00 56.91  ? 50  VAL A CB  1 
ATOM   333 C CG1 . VAL A 1 50 ? -1.045  -2.717  -3.857  1.00 55.72  ? 50  VAL A CG1 1 
ATOM   334 C CG2 . VAL A 1 50 ? 0.447   -2.915  -1.920  1.00 59.83  ? 50  VAL A CG2 1 
ATOM   335 N N   . GLU A 1 51 ? 2.575   -5.366  -3.974  1.00 56.81  ? 51  GLU A N   1 
ATOM   336 C CA  . GLU A 1 51 ? 3.946   -5.780  -3.651  1.00 56.54  ? 51  GLU A CA  1 
ATOM   337 C C   . GLU A 1 51 ? 4.686   -4.498  -3.316  1.00 62.84  ? 51  GLU A C   1 
ATOM   338 O O   . GLU A 1 51 ? 4.636   -3.607  -4.115  1.00 67.42  ? 51  GLU A O   1 
ATOM   339 C CB  . GLU A 1 51 ? 4.579   -6.352  -4.907  1.00 65.44  ? 51  GLU A CB  1 
ATOM   340 C CG  . GLU A 1 51 ? 4.246   -7.796  -5.161  1.00 64.79  ? 51  GLU A CG  1 
ATOM   341 C CD  . GLU A 1 51 ? 5.225   -8.462  -6.098  1.00 65.68  ? 51  GLU A CD  1 
ATOM   342 O OE1 . GLU A 1 51 ? 6.081   -7.783  -6.622  1.00 59.77  ? 51  GLU A OE1 1 
ATOM   343 O OE2 . GLU A 1 51 ? 5.126   -9.656  -6.268  1.00 70.68  ? 51  GLU A OE2 1 
ATOM   344 N N   . VAL A 1 52 ? 5.323   -4.429  -2.161  1.00 63.98  ? 52  VAL A N   1 
ATOM   345 C CA  . VAL A 1 52 ? 6.025   -3.188  -1.740  1.00 63.86  ? 52  VAL A CA  1 
ATOM   346 C C   . VAL A 1 52 ? 7.332   -3.603  -1.073  1.00 71.92  ? 52  VAL A C   1 
ATOM   347 O O   . VAL A 1 52 ? 7.379   -4.692  -0.542  1.00 75.39  ? 52  VAL A O   1 
ATOM   348 C CB  . VAL A 1 52 ? 5.098   -2.397  -0.808  1.00 63.06  ? 52  VAL A CB  1 
ATOM   349 C CG1 . VAL A 1 52 ? 5.698   -1.105  -0.315  1.00 68.15  ? 52  VAL A CG1 1 
ATOM   350 C CG2 . VAL A 1 52 ? 3.791   -2.101  -1.488  1.00 61.00  ? 52  VAL A CG2 1 
ATOM   351 N N   . LYS A 1 53 ? 8.359   -2.762  -1.114  1.00 75.77  ? 53  LYS A N   1 
ATOM   352 C CA  . LYS A 1 53 ? 9.670   -3.130  -0.539  1.00 78.24  ? 53  LYS A CA  1 
ATOM   353 C C   . LYS A 1 53 ? 10.040  -2.227  0.631   1.00 75.36  ? 53  LYS A C   1 
ATOM   354 O O   . LYS A 1 53 ? 9.194   -1.978  1.470   1.00 72.49  ? 53  LYS A O   1 
ATOM   355 C CB  . LYS A 1 53 ? 10.721  -2.943  -1.627  1.00 80.95  ? 53  LYS A CB  1 
ATOM   356 C CG  . LYS A 1 53 ? 10.281  -2.101  -2.811  1.00 76.40  ? 53  LYS A CG  1 
ATOM   357 C CD  . LYS A 1 53 ? 11.070  -2.397  -4.059  1.00 82.17  ? 53  LYS A CD  1 
ATOM   358 C CE  . LYS A 1 53 ? 11.693  -3.772  -4.088  1.00 84.00  ? 53  LYS A CE  1 
ATOM   359 N NZ  . LYS A 1 53 ? 13.134  -3.719  -4.428  1.00 91.62  ? 53  LYS A NZ  1 
ATOM   360 N N   . LYS A 1 54 ? 11.303  -1.809  0.677   1.00 80.74  ? 54  LYS A N   1 
ATOM   361 C CA  . LYS A 1 54 ? 11.820  -0.929  1.746   1.00 85.65  ? 54  LYS A CA  1 
ATOM   362 C C   . LYS A 1 54 ? 12.010  0.478   1.196   1.00 87.39  ? 54  LYS A C   1 
ATOM   363 O O   . LYS A 1 54 ? 12.119  1.375   2.037   1.00 85.03  ? 54  LYS A O   1 
ATOM   364 C CB  . LYS A 1 54 ? 13.190  -1.411  2.204   1.00 90.21  ? 54  LYS A CB  1 
ATOM   365 C CG  . LYS A 1 54 ? 14.079  -0.323  2.791   1.00 95.34  ? 54  LYS A CG  1 
ATOM   366 C CD  . LYS A 1 54 ? 15.401  -0.821  3.353   1.00 99.70  ? 54  LYS A CD  1 
ATOM   367 C CE  . LYS A 1 54 ? 16.574  0.104   3.096   1.00 104.39 ? 54  LYS A CE  1 
ATOM   368 N NZ  . LYS A 1 54 ? 17.567  0.084   4.198   1.00 95.24  ? 54  LYS A NZ  1 
HETATM 369 O O   . HOH B 2 .  ? -6.243  5.966   -6.588  1.00 60.25  ? 101 HOH A O   1 
# 
